data_9BVQ
#
_entry.id   9BVQ
#
_cell.length_a   1.00
_cell.length_b   1.00
_cell.length_c   1.00
_cell.angle_alpha   90.00
_cell.angle_beta   90.00
_cell.angle_gamma   90.00
#
_symmetry.space_group_name_H-M   'P 1'
#
loop_
_entity.id
_entity.type
_entity.pdbx_description
1 polymer 'Vitamin K-dependent gamma-carboxylase'
2 polymer 'Transmembrane gamma-carboxyglutamic acid protein 2'
3 branched 2-acetamido-2-deoxy-beta-D-glucopyranose-(1-4)-2-acetamido-2-deoxy-beta-D-glucopyranose
4 non-polymer '(4S,7R)-4-HYDROXY-N,N,N-TRIMETHYL-9-OXO-7-[(PALMITOYLOXY)METHYL]-3,5,8-TRIOXA-4-PHOSPHAHEXACOSAN-1-AMINIUM 4-OXIDE'
5 non-polymer 2-acetamido-2-deoxy-beta-D-glucopyranose
#
loop_
_entity_poly.entity_id
_entity_poly.type
_entity_poly.pdbx_seq_one_letter_code
_entity_poly.pdbx_strand_id
1 'polypeptide(L)'
;GPRQDSRIGKLLGFEWTDLSSWRRLVTLLNRPTDPASLAVFRFLFGFLMVLDIPQERGLSSLDRKYLDGLDVCRFPLLDA
LRPLPLDWMYLVYTIMFLGALGMMLGLCYRISCVLFLLPYWYVFLLDKTSWNNHSYLYGLLAFQLTFMDANHYWSVDGLL
NAHRRNAHVPLWNYAVLRGQIFIVYFIAGVKKLDADWVEGYSMEYLSRHWLFSPFKLLLSEELTSLLVVHWGGLLLDLSA
GFLLFFDVSRSIGLFFVSYFHCMNSQLFSIGMFSYVMLASSPLFCSPEWPRKLVSYCPRRLQQLLPLKAAPQPSVSCVYK
RSRGKSGQKPGLRHQLGAAFTLLYLLEQLFLPYSHFLTQGYNNWTNGLYGYSWDMMVHSRSHQHVKITYRDGRTGELGYL
NPGVFTQSRRWKDHADMLKQYATCLSRLLPKYNVTEPQIYFDIWVSINDRFQQRIFDPRVDIVQAAWSPFQRTSWVQPLL
MDLSPWRAKLQEIKSSLDNHTEVVFIADFPGLHLENFVSEDLGNTSIQLLQGEVTVELVAEQKNQTLREGEKMQLPAGEY
HKVYTTSPSPSCYMYVYVNTTELALEQDLAYLQELKEKVENGSETGPLPPELQPLLEGEVKGGPEPTPLVQTFLRRQQRL
QEIERRRNTPFHERFFRFLLRKLYVFRRSFLMTCISLRNLILGRPSLEQLAQEVTYANLRPFEAVGELNPSNTDSSHSNP
PESNPDPVHSEF
;
A
2 'polypeptide(L)'
;EETDQEVFLGPPEAQSFLSSHTRIPRANHWDLELLTPGNLERECLEERCSWEEAREYFEDNTLTERFWESYIYNGKGGRG
RVDVASLAVGLTGGILLIVLAGLGAFWYLRWRQHRG
;
P
#
loop_
_chem_comp.id
_chem_comp.type
_chem_comp.name
_chem_comp.formula
6PL non-polymer '(4S,7R)-4-HYDROXY-N,N,N-TRIMETHYL-9-OXO-7-[(PALMITOYLOXY)METHYL]-3,5,8-TRIOXA-4-PHOSPHAHEXACOSAN-1-AMINIUM 4-OXIDE' 'C42 H85 N O8 P 1'
NAG D-saccharide, beta linking 2-acetamido-2-deoxy-beta-D-glucopyranose 'C8 H15 N O6'
#
# COMPACT_ATOMS: atom_id res chain seq x y z
N ASP A 5 -14.61 47.62 9.83
CA ASP A 5 -15.88 47.30 10.45
C ASP A 5 -16.81 46.60 9.46
N SER A 6 -16.32 46.40 8.24
CA SER A 6 -17.10 45.70 7.22
C SER A 6 -17.27 44.24 7.59
N ARG A 7 -18.38 43.65 7.13
CA ARG A 7 -18.65 42.24 7.40
C ARG A 7 -17.64 41.35 6.69
N ILE A 8 -17.26 41.71 5.46
CA ILE A 8 -16.27 40.93 4.73
C ILE A 8 -14.93 40.93 5.47
N GLY A 9 -14.53 42.08 6.00
CA GLY A 9 -13.28 42.15 6.74
C GLY A 9 -13.33 41.37 8.03
N LYS A 10 -14.50 41.24 8.65
CA LYS A 10 -14.62 40.45 9.86
C LYS A 10 -14.62 38.95 9.57
N LEU A 11 -15.25 38.54 8.47
CA LEU A 11 -15.30 37.12 8.12
C LEU A 11 -13.97 36.64 7.55
N LEU A 12 -13.52 37.24 6.46
CA LEU A 12 -12.33 36.78 5.76
C LEU A 12 -11.03 37.29 6.39
N GLY A 13 -11.10 38.27 7.28
CA GLY A 13 -9.92 38.80 7.92
C GLY A 13 -9.16 39.85 7.12
N PHE A 14 -9.63 40.22 5.94
CA PHE A 14 -8.97 41.22 5.13
C PHE A 14 -10.02 41.98 4.33
N GLU A 15 -9.68 43.22 3.97
CA GLU A 15 -10.57 44.06 3.19
C GLU A 15 -10.30 43.88 1.70
N TRP A 16 -11.27 44.33 0.89
CA TRP A 16 -11.13 44.22 -0.56
C TRP A 16 -10.05 45.14 -1.10
N THR A 17 -9.93 46.34 -0.53
CA THR A 17 -8.93 47.29 -1.00
C THR A 17 -7.51 46.78 -0.83
N ASP A 18 -7.30 45.78 0.04
CA ASP A 18 -5.97 45.18 0.17
C ASP A 18 -5.56 44.41 -1.08
N LEU A 19 -6.50 44.06 -1.94
CA LEU A 19 -6.20 43.33 -3.16
C LEU A 19 -6.15 44.23 -4.39
N SER A 20 -6.20 45.55 -4.20
CA SER A 20 -6.26 46.45 -5.35
C SER A 20 -4.94 46.48 -6.11
N SER A 21 -3.82 46.53 -5.40
CA SER A 21 -2.51 46.67 -6.03
C SER A 21 -1.54 45.66 -5.43
N TRP A 22 -0.38 45.53 -6.07
CA TRP A 22 0.62 44.57 -5.63
C TRP A 22 1.25 45.00 -4.30
N ARG A 23 1.49 46.31 -4.12
CA ARG A 23 2.09 46.78 -2.89
C ARG A 23 1.19 46.52 -1.68
N ARG A 24 -0.12 46.74 -1.85
CA ARG A 24 -1.03 46.49 -0.74
C ARG A 24 -1.15 45.00 -0.44
N LEU A 25 -1.09 44.15 -1.46
CA LEU A 25 -1.09 42.71 -1.21
C LEU A 25 0.16 42.28 -0.47
N VAL A 26 1.32 42.82 -0.84
CA VAL A 26 2.55 42.50 -0.13
C VAL A 26 2.48 42.99 1.32
N THR A 27 1.91 44.17 1.54
CA THR A 27 1.74 44.67 2.90
C THR A 27 0.82 43.77 3.70
N LEU A 28 -0.25 43.28 3.08
CA LEU A 28 -1.18 42.39 3.78
C LEU A 28 -0.52 41.06 4.13
N LEU A 29 0.25 40.49 3.21
CA LEU A 29 0.84 39.18 3.42
C LEU A 29 2.08 39.21 4.30
N ASN A 30 2.46 40.37 4.83
CA ASN A 30 3.64 40.46 5.69
C ASN A 30 3.31 41.18 7.00
N ARG A 31 2.05 41.11 7.44
CA ARG A 31 1.68 41.70 8.71
C ARG A 31 2.17 40.82 9.86
N PRO A 32 2.50 41.42 11.00
CA PRO A 32 2.98 40.63 12.14
C PRO A 32 1.90 39.73 12.71
N THR A 33 2.33 38.59 13.24
CA THR A 33 1.44 37.63 13.87
C THR A 33 2.18 36.94 15.01
N ASP A 34 1.42 36.38 15.95
CA ASP A 34 2.02 35.67 17.06
C ASP A 34 2.57 34.32 16.59
N PRO A 35 3.77 33.94 17.03
CA PRO A 35 4.41 32.70 16.57
C PRO A 35 4.10 31.45 17.38
N ALA A 36 3.13 31.48 18.29
CA ALA A 36 2.95 30.36 19.21
C ALA A 36 2.37 29.14 18.51
N SER A 37 1.34 29.33 17.68
CA SER A 37 0.71 28.19 17.02
C SER A 37 1.67 27.48 16.08
N LEU A 38 2.46 28.26 15.33
CA LEU A 38 3.46 27.67 14.45
C LEU A 38 4.50 26.90 15.24
N ALA A 39 4.87 27.41 16.41
CA ALA A 39 5.83 26.71 17.26
C ALA A 39 5.26 25.37 17.76
N VAL A 40 4.00 25.36 18.17
CA VAL A 40 3.39 24.11 18.64
C VAL A 40 3.30 23.11 17.50
N PHE A 41 2.91 23.57 16.30
CA PHE A 41 2.85 22.67 15.15
C PHE A 41 4.23 22.13 14.80
N ARG A 42 5.26 22.98 14.87
CA ARG A 42 6.61 22.53 14.61
C ARG A 42 7.04 21.46 15.59
N PHE A 43 6.74 21.65 16.88
CA PHE A 43 7.12 20.67 17.89
C PHE A 43 6.42 19.34 17.65
N LEU A 44 5.11 19.39 17.36
CA LEU A 44 4.38 18.14 17.13
C LEU A 44 4.86 17.43 15.87
N PHE A 45 5.11 18.19 14.79
CA PHE A 45 5.57 17.59 13.55
C PHE A 45 6.95 16.96 13.72
N GLY A 46 7.85 17.65 14.42
CA GLY A 46 9.16 17.08 14.66
C GLY A 46 9.11 15.82 15.51
N PHE A 47 8.28 15.83 16.55
CA PHE A 47 8.13 14.63 17.37
C PHE A 47 7.59 13.46 16.56
N LEU A 48 6.59 13.73 15.72
CA LEU A 48 6.00 12.66 14.93
C LEU A 48 6.99 12.12 13.89
N MET A 49 7.79 13.00 13.28
CA MET A 49 8.79 12.51 12.33
C MET A 49 9.90 11.73 13.03
N VAL A 50 10.29 12.15 14.24
CA VAL A 50 11.26 11.38 15.01
C VAL A 50 10.73 9.99 15.30
N LEU A 51 9.44 9.89 15.69
CA LEU A 51 8.86 8.58 15.95
C LEU A 51 8.67 7.77 14.67
N ASP A 52 8.50 8.44 13.52
CA ASP A 52 8.20 7.76 12.27
C ASP A 52 9.43 7.27 11.52
N ILE A 53 10.59 7.89 11.73
CA ILE A 53 11.80 7.48 11.02
C ILE A 53 12.15 6.02 11.25
N PRO A 54 12.19 5.51 12.49
CA PRO A 54 12.58 4.10 12.69
C PRO A 54 11.47 3.09 12.43
N GLN A 55 10.28 3.52 12.03
CA GLN A 55 9.15 2.60 11.89
C GLN A 55 8.72 2.40 10.44
N GLU A 56 8.43 3.48 9.71
CA GLU A 56 7.93 3.37 8.35
C GLU A 56 9.00 3.63 7.30
N ARG A 57 9.95 4.52 7.57
CA ARG A 57 11.00 4.79 6.60
C ARG A 57 11.89 3.58 6.36
N GLY A 58 12.06 2.74 7.38
CA GLY A 58 12.77 1.49 7.20
C GLY A 58 14.17 1.49 7.78
N LEU A 59 14.34 2.16 8.92
CA LEU A 59 15.65 2.15 9.57
C LEU A 59 15.95 0.79 10.19
N SER A 60 14.93 0.10 10.70
CA SER A 60 15.15 -1.22 11.29
C SER A 60 15.36 -2.27 10.22
N SER A 61 14.68 -2.15 9.08
CA SER A 61 14.75 -3.11 8.00
C SER A 61 15.77 -2.72 6.94
N LEU A 62 16.65 -1.76 7.23
CA LEU A 62 17.59 -1.27 6.23
C LEU A 62 18.69 -2.28 5.92
N ASP A 63 18.98 -3.20 6.84
CA ASP A 63 20.05 -4.17 6.62
C ASP A 63 19.63 -5.34 5.75
N ARG A 64 18.34 -5.46 5.44
CA ARG A 64 17.84 -6.50 4.55
C ARG A 64 17.20 -5.92 3.30
N LYS A 65 17.43 -4.65 3.02
CA LYS A 65 16.93 -3.98 1.82
C LYS A 65 18.02 -3.53 0.89
N TYR A 66 19.13 -3.02 1.43
CA TYR A 66 20.28 -2.59 0.64
C TYR A 66 21.50 -3.45 0.94
N LEU A 67 21.28 -4.75 1.10
CA LEU A 67 22.37 -5.66 1.43
C LEU A 67 23.37 -5.75 0.29
N ASP A 68 24.65 -5.69 0.62
CA ASP A 68 25.70 -5.70 -0.39
C ASP A 68 25.84 -7.09 -0.99
N GLY A 69 26.07 -7.15 -2.30
CA GLY A 69 26.19 -8.39 -3.02
C GLY A 69 24.89 -8.96 -3.55
N LEU A 70 23.75 -8.46 -3.06
CA LEU A 70 22.46 -8.92 -3.53
C LEU A 70 22.08 -8.18 -4.81
N ASP A 71 21.62 -8.93 -5.81
CA ASP A 71 21.24 -8.36 -7.10
C ASP A 71 19.72 -8.16 -7.10
N VAL A 72 19.30 -6.91 -6.91
CA VAL A 72 17.90 -6.55 -6.85
C VAL A 72 17.61 -5.53 -7.94
N CYS A 73 16.35 -5.47 -8.35
CA CYS A 73 15.89 -4.52 -9.36
C CYS A 73 15.23 -3.33 -8.66
N ARG A 74 15.83 -2.15 -8.81
CA ARG A 74 15.32 -0.94 -8.19
C ARG A 74 14.33 -0.25 -9.13
N PHE A 75 13.48 0.60 -8.54
CA PHE A 75 12.50 1.38 -9.27
C PHE A 75 12.61 2.84 -8.88
N PRO A 76 13.66 3.53 -9.31
CA PRO A 76 13.79 4.96 -9.04
C PRO A 76 13.10 5.79 -10.12
N LEU A 77 12.85 7.05 -9.79
CA LEU A 77 12.24 7.96 -10.76
C LEU A 77 13.17 8.17 -11.95
N LEU A 78 14.45 8.40 -11.68
CA LEU A 78 15.46 8.53 -12.72
C LEU A 78 16.42 7.35 -12.63
N ASP A 79 16.81 6.83 -13.79
CA ASP A 79 17.70 5.67 -13.81
C ASP A 79 19.10 6.01 -13.29
N ALA A 80 19.46 7.30 -13.27
CA ALA A 80 20.78 7.68 -12.80
C ALA A 80 20.94 7.49 -11.30
N LEU A 81 19.86 7.62 -10.54
CA LEU A 81 19.93 7.47 -9.09
C LEU A 81 20.22 6.03 -8.72
N ARG A 82 21.25 5.82 -7.91
CA ARG A 82 21.61 4.51 -7.41
C ARG A 82 21.87 4.59 -5.91
N PRO A 83 21.51 3.54 -5.17
CA PRO A 83 21.76 3.56 -3.73
C PRO A 83 23.25 3.44 -3.41
N LEU A 84 23.63 4.07 -2.30
CA LEU A 84 24.97 3.96 -1.78
C LEU A 84 25.11 2.66 -1.00
N PRO A 85 26.33 2.28 -0.60
CA PRO A 85 26.49 1.14 0.30
C PRO A 85 25.73 1.34 1.61
N LEU A 86 25.63 0.25 2.37
CA LEU A 86 24.77 0.23 3.55
C LEU A 86 25.22 1.23 4.59
N ASP A 87 26.53 1.35 4.82
CA ASP A 87 27.03 2.24 5.87
C ASP A 87 26.68 3.69 5.58
N TRP A 88 26.81 4.11 4.32
CA TRP A 88 26.48 5.48 3.98
C TRP A 88 24.99 5.73 4.04
N MET A 89 24.17 4.70 3.77
CA MET A 89 22.73 4.83 3.98
C MET A 89 22.41 5.04 5.45
N TYR A 90 23.11 4.31 6.33
CA TYR A 90 22.91 4.52 7.77
C TYR A 90 23.35 5.91 8.19
N LEU A 91 24.44 6.43 7.60
CA LEU A 91 24.84 7.80 7.88
C LEU A 91 23.79 8.80 7.42
N VAL A 92 23.19 8.57 6.25
CA VAL A 92 22.14 9.45 5.74
C VAL A 92 20.94 9.45 6.67
N TYR A 93 20.54 8.27 7.14
CA TYR A 93 19.42 8.20 8.09
C TYR A 93 19.77 8.85 9.41
N THR A 94 21.02 8.76 9.85
CA THR A 94 21.45 9.46 11.05
C THR A 94 21.33 10.97 10.88
N ILE A 95 21.74 11.48 9.72
CA ILE A 95 21.61 12.91 9.45
C ILE A 95 20.14 13.33 9.45
N MET A 96 19.28 12.50 8.86
CA MET A 96 17.85 12.81 8.85
C MET A 96 17.28 12.83 10.27
N PHE A 97 17.69 11.88 11.10
CA PHE A 97 17.22 11.85 12.49
C PHE A 97 17.70 13.08 13.26
N LEU A 98 18.95 13.49 13.03
CA LEU A 98 19.46 14.70 13.68
C LEU A 98 18.67 15.92 13.23
N GLY A 99 18.34 16.00 11.95
CA GLY A 99 17.54 17.13 11.47
C GLY A 99 16.15 17.14 12.07
N ALA A 100 15.53 15.97 12.22
CA ALA A 100 14.22 15.89 12.84
C ALA A 100 14.28 16.33 14.31
N LEU A 101 15.31 15.91 15.03
CA LEU A 101 15.48 16.36 16.41
C LEU A 101 15.69 17.87 16.48
N GLY A 102 16.48 18.42 15.57
CA GLY A 102 16.69 19.85 15.55
C GLY A 102 15.43 20.64 15.23
N MET A 103 14.58 20.09 14.35
CA MET A 103 13.29 20.73 14.10
C MET A 103 12.37 20.63 15.32
N MET A 104 12.42 19.51 16.04
CA MET A 104 11.56 19.37 17.21
C MET A 104 11.96 20.34 18.31
N LEU A 105 13.26 20.41 18.61
CA LEU A 105 13.73 21.27 19.69
C LEU A 105 13.95 22.72 19.26
N GLY A 106 13.89 23.01 17.96
CA GLY A 106 14.15 24.36 17.49
C GLY A 106 15.57 24.82 17.68
N LEU A 107 16.54 23.93 17.49
CA LEU A 107 17.96 24.24 17.65
C LEU A 107 18.59 24.29 16.27
N CYS A 108 19.08 25.47 15.88
CA CYS A 108 19.64 25.69 14.54
C CYS A 108 18.62 25.27 13.47
N TYR A 109 17.50 26.00 13.48
CA TYR A 109 16.30 25.56 12.79
C TYR A 109 16.53 25.39 11.29
N ARG A 110 17.23 26.33 10.65
CA ARG A 110 17.40 26.25 9.20
C ARG A 110 18.29 25.07 8.80
N ILE A 111 19.39 24.87 9.52
CA ILE A 111 20.28 23.76 9.21
C ILE A 111 19.58 22.43 9.44
N SER A 112 18.82 22.32 10.54
CA SER A 112 18.08 21.09 10.81
C SER A 112 17.03 20.84 9.74
N CYS A 113 16.35 21.90 9.29
CA CYS A 113 15.34 21.73 8.25
C CYS A 113 15.97 21.26 6.94
N VAL A 114 17.12 21.81 6.58
CA VAL A 114 17.81 21.34 5.37
C VAL A 114 18.26 19.89 5.53
N LEU A 115 18.82 19.55 6.69
CA LEU A 115 19.33 18.20 6.92
C LEU A 115 18.22 17.17 7.00
N PHE A 116 16.99 17.59 7.29
CA PHE A 116 15.86 16.68 7.17
C PHE A 116 15.27 16.66 5.77
N LEU A 117 15.30 17.80 5.07
CA LEU A 117 14.64 17.89 3.78
C LEU A 117 15.40 17.13 2.69
N LEU A 118 16.72 17.27 2.65
CA LEU A 118 17.46 16.71 1.52
C LEU A 118 17.50 15.17 1.57
N PRO A 119 17.95 14.53 2.66
CA PRO A 119 17.94 13.06 2.67
C PRO A 119 16.55 12.46 2.53
N TYR A 120 15.52 13.12 3.06
CA TYR A 120 14.17 12.59 2.94
C TYR A 120 13.74 12.52 1.48
N TRP A 121 14.00 13.57 0.72
CA TRP A 121 13.63 13.56 -0.69
C TRP A 121 14.52 12.65 -1.51
N TYR A 122 15.78 12.47 -1.10
CA TYR A 122 16.61 11.47 -1.77
C TYR A 122 16.04 10.07 -1.59
N VAL A 123 15.63 9.73 -0.37
CA VAL A 123 15.03 8.43 -0.12
C VAL A 123 13.70 8.30 -0.89
N PHE A 124 12.90 9.37 -0.89
CA PHE A 124 11.61 9.34 -1.57
C PHE A 124 11.76 9.09 -3.06
N LEU A 125 12.72 9.77 -3.70
CA LEU A 125 12.96 9.58 -5.12
C LEU A 125 13.76 8.33 -5.44
N LEU A 126 14.37 7.69 -4.43
CA LEU A 126 15.13 6.48 -4.68
C LEU A 126 14.25 5.26 -4.97
N ASP A 127 12.96 5.32 -4.63
CA ASP A 127 12.10 4.15 -4.79
C ASP A 127 10.66 4.62 -5.00
N LYS A 128 10.08 4.23 -6.14
CA LYS A 128 8.70 4.57 -6.47
C LYS A 128 7.68 3.60 -5.87
N THR A 129 8.15 2.50 -5.29
CA THR A 129 7.24 1.51 -4.71
C THR A 129 6.78 1.88 -3.31
N SER A 130 7.43 2.85 -2.67
CA SER A 130 7.09 3.27 -1.32
C SER A 130 6.47 4.67 -1.30
N TRP A 131 5.91 5.12 -2.42
CA TRP A 131 5.24 6.41 -2.49
C TRP A 131 3.82 6.28 -1.97
N ASN A 132 3.43 7.20 -1.10
CA ASN A 132 2.05 7.34 -0.67
C ASN A 132 1.78 8.81 -0.39
N ASN A 133 0.51 9.13 -0.13
CA ASN A 133 0.12 10.52 0.04
C ASN A 133 0.73 11.12 1.31
N HIS A 134 0.82 10.32 2.38
CA HIS A 134 1.27 10.87 3.65
C HIS A 134 2.78 11.07 3.71
N SER A 135 3.54 10.54 2.75
CA SER A 135 4.97 10.84 2.66
C SER A 135 5.21 12.09 1.81
N TYR A 136 4.43 12.24 0.74
CA TYR A 136 4.43 13.47 -0.03
C TYR A 136 4.04 14.65 0.86
N LEU A 137 3.08 14.43 1.76
CA LEU A 137 2.68 15.48 2.69
C LEU A 137 3.82 15.85 3.64
N TYR A 138 4.56 14.85 4.13
CA TYR A 138 5.69 15.15 5.01
C TYR A 138 6.76 15.94 4.27
N GLY A 139 7.06 15.54 3.04
CA GLY A 139 8.03 16.29 2.25
C GLY A 139 7.62 17.72 2.01
N LEU A 140 6.35 17.93 1.65
CA LEU A 140 5.85 19.29 1.41
C LEU A 140 5.87 20.10 2.69
N LEU A 141 5.51 19.51 3.82
CA LEU A 141 5.50 20.24 5.09
C LEU A 141 6.91 20.64 5.50
N ALA A 142 7.89 19.76 5.29
CA ALA A 142 9.27 20.12 5.58
C ALA A 142 9.75 21.24 4.66
N PHE A 143 9.39 21.16 3.38
CA PHE A 143 9.76 22.20 2.43
C PHE A 143 9.17 23.55 2.83
N GLN A 144 7.91 23.55 3.28
CA GLN A 144 7.28 24.80 3.70
C GLN A 144 7.91 25.33 4.99
N LEU A 145 8.16 24.45 5.96
CA LEU A 145 8.71 24.88 7.24
C LEU A 145 10.18 25.26 7.17
N THR A 146 10.86 24.94 6.05
CA THR A 146 12.25 25.37 5.90
C THR A 146 12.36 26.89 5.90
N PHE A 147 11.41 27.57 5.25
CA PHE A 147 11.47 29.02 5.13
C PHE A 147 10.77 29.77 6.26
N MET A 148 9.82 29.13 6.94
CA MET A 148 9.05 29.81 7.97
C MET A 148 9.86 29.97 9.25
N ASP A 149 9.61 31.07 9.96
CA ASP A 149 10.28 31.36 11.23
C ASP A 149 9.46 30.75 12.36
N ALA A 150 9.68 29.46 12.59
CA ALA A 150 8.97 28.70 13.60
C ALA A 150 9.71 28.61 14.92
N ASN A 151 10.88 29.23 15.05
CA ASN A 151 11.74 29.07 16.22
C ASN A 151 11.70 30.27 17.16
N HIS A 152 10.76 31.20 16.96
CA HIS A 152 10.72 32.42 17.77
C HIS A 152 10.02 32.23 19.11
N TYR A 153 9.32 31.12 19.32
CA TYR A 153 8.60 30.89 20.56
C TYR A 153 8.79 29.44 21.00
N TRP A 154 9.08 29.25 22.28
CA TRP A 154 9.23 27.93 22.90
C TRP A 154 10.26 27.09 22.15
N SER A 155 11.50 27.58 22.14
CA SER A 155 12.58 26.89 21.46
C SER A 155 13.89 27.17 22.16
N VAL A 156 14.86 26.28 21.93
CA VAL A 156 16.19 26.44 22.52
C VAL A 156 16.90 27.65 21.92
N ASP A 157 16.69 27.90 20.62
CA ASP A 157 17.35 29.04 19.98
C ASP A 157 16.90 30.36 20.60
N GLY A 158 15.68 30.42 21.12
CA GLY A 158 15.25 31.61 21.83
C GLY A 158 16.00 31.80 23.14
N LEU A 159 16.25 30.70 23.86
CA LEU A 159 17.02 30.79 25.10
C LEU A 159 18.48 31.13 24.84
N LEU A 160 19.03 30.67 23.72
CA LEU A 160 20.43 30.93 23.40
C LEU A 160 20.64 32.16 22.53
N ASN A 161 19.56 32.84 22.14
CA ASN A 161 19.68 34.04 21.30
C ASN A 161 18.52 34.97 21.61
N ALA A 162 18.83 36.21 22.01
CA ALA A 162 17.79 37.14 22.40
C ALA A 162 17.03 37.70 21.20
N HIS A 163 17.69 37.82 20.05
CA HIS A 163 17.07 38.44 18.88
C HIS A 163 15.92 37.63 18.32
N ARG A 164 15.89 36.31 18.56
CA ARG A 164 14.85 35.44 18.06
C ARG A 164 13.99 34.88 19.18
N ARG A 165 13.71 35.71 20.18
CA ARG A 165 12.89 35.33 21.33
C ARG A 165 11.61 36.16 21.32
N ASN A 166 10.49 35.51 21.02
CA ASN A 166 9.17 36.14 21.01
C ASN A 166 9.12 37.30 20.01
N ALA A 167 9.37 36.98 18.74
CA ALA A 167 9.32 37.95 17.66
C ALA A 167 8.13 37.67 16.76
N HIS A 168 7.82 38.63 15.90
CA HIS A 168 6.68 38.53 15.01
C HIS A 168 7.05 37.78 13.73
N VAL A 169 6.03 37.22 13.10
CA VAL A 169 6.20 36.45 11.86
C VAL A 169 5.18 36.93 10.84
N PRO A 170 5.46 36.84 9.55
CA PRO A 170 4.49 37.25 8.53
C PRO A 170 3.30 36.30 8.47
N LEU A 171 2.21 36.81 7.90
CA LEU A 171 0.96 36.05 7.84
C LEU A 171 1.02 34.93 6.81
N TRP A 172 1.86 35.06 5.79
CA TRP A 172 1.89 34.03 4.76
C TRP A 172 2.45 32.71 5.29
N ASN A 173 3.18 32.74 6.41
CA ASN A 173 3.59 31.50 7.06
C ASN A 173 2.38 30.68 7.46
N TYR A 174 1.35 31.33 7.99
CA TYR A 174 0.11 30.62 8.30
C TYR A 174 -0.71 30.36 7.05
N ALA A 175 -0.69 31.29 6.09
CA ALA A 175 -1.50 31.14 4.89
C ALA A 175 -1.09 29.91 4.08
N VAL A 176 0.22 29.67 3.96
CA VAL A 176 0.69 28.53 3.18
C VAL A 176 0.24 27.22 3.80
N LEU A 177 0.38 27.09 5.12
CA LEU A 177 -0.02 25.86 5.80
C LEU A 177 -1.53 25.64 5.73
N ARG A 178 -2.31 26.71 5.95
CA ARG A 178 -3.76 26.58 5.84
C ARG A 178 -4.17 26.19 4.43
N GLY A 179 -3.54 26.80 3.43
CA GLY A 179 -3.85 26.44 2.06
C GLY A 179 -3.47 25.01 1.72
N GLN A 180 -2.35 24.54 2.26
CA GLN A 180 -1.96 23.15 2.02
C GLN A 180 -2.96 22.17 2.62
N ILE A 181 -3.38 22.40 3.87
CA ILE A 181 -4.35 21.51 4.50
C ILE A 181 -5.68 21.57 3.76
N PHE A 182 -6.12 22.77 3.37
CA PHE A 182 -7.37 22.89 2.65
C PHE A 182 -7.30 22.21 1.29
N ILE A 183 -6.16 22.32 0.60
CA ILE A 183 -5.99 21.63 -0.68
C ILE A 183 -6.06 20.13 -0.48
N VAL A 184 -5.43 19.62 0.57
CA VAL A 184 -5.49 18.19 0.84
C VAL A 184 -6.94 17.74 0.99
N TYR A 185 -7.69 18.43 1.86
CA TYR A 185 -9.07 18.03 2.12
C TYR A 185 -9.91 18.13 0.85
N PHE A 186 -9.84 19.27 0.15
CA PHE A 186 -10.72 19.51 -0.97
C PHE A 186 -10.39 18.62 -2.16
N ILE A 187 -9.10 18.40 -2.43
CA ILE A 187 -8.73 17.55 -3.54
C ILE A 187 -9.07 16.09 -3.23
N ALA A 188 -8.92 15.67 -1.97
CA ALA A 188 -9.37 14.32 -1.63
C ALA A 188 -10.88 14.18 -1.86
N GLY A 189 -11.65 15.19 -1.45
CA GLY A 189 -13.07 15.13 -1.67
C GLY A 189 -13.46 15.09 -3.14
N VAL A 190 -12.84 15.95 -3.95
CA VAL A 190 -13.20 16.02 -5.37
C VAL A 190 -12.66 14.82 -6.15
N LYS A 191 -11.59 14.17 -5.67
CA LYS A 191 -11.16 12.92 -6.28
C LYS A 191 -12.05 11.76 -5.87
N LYS A 192 -12.69 11.85 -4.71
CA LYS A 192 -13.64 10.83 -4.29
C LYS A 192 -15.01 11.00 -4.92
N LEU A 193 -15.18 11.98 -5.80
CA LEU A 193 -16.40 12.11 -6.61
C LEU A 193 -16.29 11.24 -7.85
N ASP A 194 -16.11 9.94 -7.60
CA ASP A 194 -15.93 8.94 -8.65
C ASP A 194 -17.13 8.00 -8.66
N ALA A 195 -17.32 7.32 -9.79
CA ALA A 195 -18.44 6.41 -9.92
C ALA A 195 -18.30 5.18 -9.02
N ASP A 196 -17.08 4.85 -8.60
CA ASP A 196 -16.86 3.69 -7.74
C ASP A 196 -16.92 4.04 -6.26
N TRP A 197 -17.01 5.32 -5.91
CA TRP A 197 -17.07 5.74 -4.51
C TRP A 197 -18.45 6.24 -4.10
N VAL A 198 -19.15 6.94 -4.98
CA VAL A 198 -20.51 7.38 -4.66
C VAL A 198 -21.53 6.26 -4.73
N GLU A 199 -21.14 5.09 -5.24
CA GLU A 199 -22.04 3.95 -5.35
C GLU A 199 -21.76 2.86 -4.31
N GLY A 200 -20.68 2.98 -3.54
CA GLY A 200 -20.42 2.05 -2.47
C GLY A 200 -19.55 0.87 -2.82
N TYR A 201 -18.86 0.89 -3.96
CA TYR A 201 -18.04 -0.26 -4.35
C TYR A 201 -16.69 -0.26 -3.61
N SER A 202 -15.99 0.86 -3.65
CA SER A 202 -14.68 0.94 -3.00
C SER A 202 -14.84 0.92 -1.49
N MET A 203 -14.02 0.11 -0.83
CA MET A 203 -14.06 -0.03 0.63
C MET A 203 -15.44 -0.44 1.12
N GLU A 204 -15.99 -1.48 0.48
CA GLU A 204 -17.33 -1.95 0.80
C GLU A 204 -17.38 -2.82 2.05
N TYR A 205 -16.27 -3.44 2.43
CA TYR A 205 -16.23 -4.38 3.54
C TYR A 205 -15.79 -3.74 4.84
N LEU A 206 -15.77 -2.41 4.92
CA LEU A 206 -15.31 -1.73 6.11
C LEU A 206 -16.40 -1.53 7.16
N SER A 207 -17.65 -1.87 6.83
CA SER A 207 -18.75 -1.71 7.78
C SER A 207 -18.86 -2.86 8.75
N ARG A 208 -18.06 -3.91 8.59
CA ARG A 208 -18.09 -5.07 9.50
C ARG A 208 -17.19 -4.88 10.70
N HIS A 209 -16.41 -3.81 10.76
CA HIS A 209 -15.57 -3.54 11.91
C HIS A 209 -16.44 -3.17 13.12
N TRP A 210 -15.91 -3.44 14.31
CA TRP A 210 -16.67 -3.20 15.53
C TRP A 210 -16.80 -1.70 15.84
N LEU A 211 -15.94 -0.86 15.27
CA LEU A 211 -16.05 0.57 15.54
C LEU A 211 -17.34 1.15 14.99
N PHE A 212 -17.90 0.54 13.95
CA PHE A 212 -19.19 0.95 13.41
C PHE A 212 -20.35 0.22 14.08
N SER A 213 -20.12 -0.36 15.25
CA SER A 213 -21.19 -1.07 15.95
C SER A 213 -22.38 -0.19 16.32
N PRO A 214 -22.22 1.03 16.86
CA PRO A 214 -23.42 1.81 17.18
C PRO A 214 -24.25 2.17 15.96
N PHE A 215 -23.63 2.40 14.81
CA PHE A 215 -24.39 2.75 13.61
C PHE A 215 -25.35 1.64 13.21
N LYS A 216 -25.03 0.39 13.56
CA LYS A 216 -25.90 -0.73 13.24
C LYS A 216 -27.16 -0.75 14.09
N LEU A 217 -27.22 0.03 15.17
CA LEU A 217 -28.42 0.04 16.00
C LEU A 217 -29.60 0.67 15.28
N LEU A 218 -29.35 1.60 14.37
CA LEU A 218 -30.41 2.29 13.65
C LEU A 218 -30.43 2.02 12.15
N LEU A 219 -29.36 1.46 11.58
CA LEU A 219 -29.26 1.26 10.14
C LEU A 219 -28.80 -0.16 9.85
N SER A 220 -29.14 -0.63 8.65
CA SER A 220 -28.66 -1.90 8.17
C SER A 220 -27.18 -1.81 7.75
N GLU A 221 -26.59 -2.96 7.46
CA GLU A 221 -25.16 -2.98 7.14
C GLU A 221 -24.88 -2.32 5.80
N GLU A 222 -25.72 -2.56 4.78
CA GLU A 222 -25.51 -1.93 3.49
C GLU A 222 -25.72 -0.43 3.56
N LEU A 223 -26.75 0.01 4.28
CA LEU A 223 -26.96 1.45 4.45
C LEU A 223 -25.86 2.07 5.29
N THR A 224 -25.29 1.31 6.23
CA THR A 224 -24.14 1.81 6.97
C THR A 224 -22.93 1.97 6.07
N SER A 225 -22.72 1.03 5.14
CA SER A 225 -21.56 1.09 4.25
C SER A 225 -21.76 2.09 3.12
N LEU A 226 -22.99 2.53 2.86
CA LEU A 226 -23.22 3.52 1.82
C LEU A 226 -23.36 4.94 2.36
N LEU A 227 -24.20 5.14 3.37
CA LEU A 227 -24.43 6.48 3.90
C LEU A 227 -23.24 6.98 4.71
N VAL A 228 -22.69 6.15 5.57
CA VAL A 228 -21.69 6.60 6.54
C VAL A 228 -20.28 6.54 5.97
N VAL A 229 -19.89 5.39 5.43
CA VAL A 229 -18.50 5.20 5.03
C VAL A 229 -18.17 6.01 3.78
N HIS A 230 -19.07 6.00 2.78
CA HIS A 230 -18.73 6.56 1.47
C HIS A 230 -19.14 8.03 1.32
N TRP A 231 -20.43 8.32 1.47
CA TRP A 231 -20.88 9.70 1.34
C TRP A 231 -20.42 10.55 2.51
N GLY A 232 -20.36 9.97 3.71
CA GLY A 232 -19.88 10.70 4.86
C GLY A 232 -18.45 11.15 4.71
N GLY A 233 -17.60 10.31 4.10
CA GLY A 233 -16.21 10.70 3.90
C GLY A 233 -16.05 11.88 2.97
N LEU A 234 -16.79 11.90 1.86
CA LEU A 234 -16.73 13.02 0.93
C LEU A 234 -17.27 14.30 1.56
N LEU A 235 -18.43 14.19 2.21
CA LEU A 235 -19.00 15.36 2.86
C LEU A 235 -18.08 15.88 3.95
N LEU A 236 -17.45 14.98 4.70
CA LEU A 236 -16.53 15.40 5.75
C LEU A 236 -15.27 16.03 5.19
N ASP A 237 -14.78 15.54 4.05
CA ASP A 237 -13.63 16.17 3.43
C ASP A 237 -13.94 17.62 3.05
N LEU A 238 -15.04 17.84 2.32
CA LEU A 238 -15.36 19.20 1.88
C LEU A 238 -15.70 20.10 3.07
N SER A 239 -16.48 19.60 4.03
CA SER A 239 -16.86 20.41 5.17
C SER A 239 -15.67 20.68 6.09
N ALA A 240 -14.73 19.74 6.23
CA ALA A 240 -13.54 20.02 7.00
C ALA A 240 -12.66 21.03 6.30
N GLY A 241 -12.66 21.02 4.98
CA GLY A 241 -11.97 22.07 4.25
C GLY A 241 -12.54 23.45 4.55
N PHE A 242 -13.86 23.56 4.56
CA PHE A 242 -14.47 24.89 4.63
C PHE A 242 -14.79 25.39 6.04
N LEU A 243 -15.16 24.51 6.98
CA LEU A 243 -15.68 24.96 8.27
C LEU A 243 -14.59 25.46 9.20
N LEU A 244 -13.39 24.87 9.14
CA LEU A 244 -12.33 25.25 10.07
C LEU A 244 -11.89 26.69 9.90
N PHE A 245 -12.11 27.28 8.72
CA PHE A 245 -11.67 28.64 8.47
C PHE A 245 -12.55 29.65 9.21
N PHE A 246 -13.86 29.47 9.17
CA PHE A 246 -14.77 30.44 9.77
C PHE A 246 -14.89 30.24 11.27
N ASP A 247 -15.13 31.35 11.98
CA ASP A 247 -15.15 31.30 13.43
C ASP A 247 -16.40 30.63 13.98
N VAL A 248 -17.51 30.71 13.24
CA VAL A 248 -18.77 30.16 13.74
C VAL A 248 -18.71 28.63 13.80
N SER A 249 -18.15 28.01 12.76
CA SER A 249 -18.21 26.56 12.60
C SER A 249 -16.89 25.87 12.89
N ARG A 250 -16.01 26.51 13.67
CA ARG A 250 -14.71 25.91 13.92
C ARG A 250 -14.79 24.77 14.93
N SER A 251 -15.65 24.90 15.95
CA SER A 251 -15.72 23.87 16.98
C SER A 251 -16.31 22.57 16.43
N ILE A 252 -17.40 22.68 15.67
CA ILE A 252 -18.00 21.48 15.07
C ILE A 252 -17.03 20.83 14.10
N GLY A 253 -16.33 21.64 13.30
CA GLY A 253 -15.34 21.09 12.39
C GLY A 253 -14.22 20.38 13.12
N LEU A 254 -13.74 20.96 14.23
CA LEU A 254 -12.70 20.32 15.01
C LEU A 254 -13.18 18.98 15.57
N PHE A 255 -14.41 18.94 16.08
CA PHE A 255 -14.94 17.69 16.63
C PHE A 255 -15.04 16.63 15.55
N PHE A 256 -15.60 16.98 14.39
CA PHE A 256 -15.76 16.00 13.32
C PHE A 256 -14.40 15.54 12.79
N VAL A 257 -13.45 16.46 12.64
CA VAL A 257 -12.13 16.10 12.15
C VAL A 257 -11.43 15.18 13.14
N SER A 258 -11.53 15.47 14.44
CA SER A 258 -10.88 14.63 15.43
C SER A 258 -11.49 13.23 15.44
N TYR A 259 -12.82 13.13 15.38
CA TYR A 259 -13.46 11.83 15.35
C TYR A 259 -13.06 11.04 14.10
N PHE A 260 -13.07 11.70 12.94
CA PHE A 260 -12.73 11.03 11.69
C PHE A 260 -11.29 10.55 11.69
N HIS A 261 -10.37 11.37 12.22
CA HIS A 261 -8.96 10.99 12.21
C HIS A 261 -8.66 9.90 13.23
N CYS A 262 -9.34 9.91 14.39
CA CYS A 262 -9.16 8.81 15.32
C CYS A 262 -9.68 7.51 14.74
N MET A 263 -10.84 7.55 14.08
CA MET A 263 -11.37 6.34 13.46
C MET A 263 -10.46 5.85 12.33
N ASN A 264 -9.89 6.77 11.56
CA ASN A 264 -8.98 6.35 10.50
C ASN A 264 -7.69 5.78 11.06
N SER A 265 -7.20 6.33 12.17
CA SER A 265 -6.01 5.77 12.81
C SER A 265 -6.27 4.37 13.32
N GLN A 266 -7.44 4.12 13.90
CA GLN A 266 -7.72 2.80 14.44
C GLN A 266 -8.04 1.79 13.35
N LEU A 267 -8.74 2.20 12.30
CA LEU A 267 -9.18 1.25 11.28
C LEU A 267 -8.02 0.82 10.38
N PHE A 268 -7.18 1.75 9.95
CA PHE A 268 -6.13 1.48 9.00
C PHE A 268 -4.76 1.49 9.67
N SER A 269 -3.75 1.13 8.89
CA SER A 269 -2.35 1.11 9.34
C SER A 269 -1.52 2.11 8.53
N ILE A 270 -2.08 3.29 8.29
CA ILE A 270 -1.39 4.29 7.49
C ILE A 270 -0.14 4.80 8.20
N GLY A 271 -0.17 4.89 9.52
CA GLY A 271 0.98 5.30 10.28
C GLY A 271 0.76 6.54 11.11
N MET A 272 1.54 7.60 10.85
CA MET A 272 1.43 8.85 11.58
C MET A 272 0.62 9.90 10.82
N PHE A 273 -0.05 9.51 9.74
CA PHE A 273 -0.82 10.48 8.95
C PHE A 273 -1.94 11.10 9.77
N SER A 274 -2.68 10.27 10.51
CA SER A 274 -3.79 10.78 11.29
C SER A 274 -3.32 11.72 12.39
N TYR A 275 -2.20 11.40 13.03
CA TYR A 275 -1.69 12.25 14.09
C TYR A 275 -1.14 13.57 13.53
N VAL A 276 -0.52 13.54 12.36
CA VAL A 276 -0.07 14.78 11.74
C VAL A 276 -1.25 15.66 11.37
N MET A 277 -2.32 15.06 10.83
CA MET A 277 -3.51 15.84 10.51
C MET A 277 -4.15 16.41 11.76
N LEU A 278 -4.20 15.64 12.85
CA LEU A 278 -4.73 16.14 14.11
C LEU A 278 -3.88 17.30 14.64
N ALA A 279 -2.57 17.20 14.49
CA ALA A 279 -1.69 18.28 14.94
C ALA A 279 -1.85 19.53 14.08
N SER A 280 -2.13 19.37 12.78
CA SER A 280 -2.34 20.51 11.91
C SER A 280 -3.73 21.10 12.00
N SER A 281 -4.68 20.38 12.59
CA SER A 281 -6.03 20.91 12.74
C SER A 281 -6.10 22.21 13.55
N PRO A 282 -5.42 22.38 14.68
CA PRO A 282 -5.53 23.63 15.44
C PRO A 282 -4.83 24.82 14.80
N LEU A 283 -4.27 24.67 13.60
CA LEU A 283 -3.61 25.79 12.95
C LEU A 283 -4.60 26.84 12.46
N PHE A 284 -5.88 26.50 12.36
CA PHE A 284 -6.89 27.44 11.89
C PHE A 284 -7.41 28.36 12.99
N CYS A 285 -7.00 28.15 14.24
CA CYS A 285 -7.41 29.02 15.32
C CYS A 285 -6.61 30.33 15.26
N SER A 286 -6.85 31.20 16.24
CA SER A 286 -6.08 32.43 16.33
C SER A 286 -4.61 32.12 16.59
N PRO A 287 -3.69 32.90 16.03
CA PRO A 287 -2.27 32.59 16.17
C PRO A 287 -1.72 32.77 17.57
N GLU A 288 -2.56 33.14 18.54
CA GLU A 288 -2.12 33.31 19.93
C GLU A 288 -2.85 32.36 20.87
N TRP A 289 -3.40 31.26 20.35
CA TRP A 289 -4.12 30.33 21.21
C TRP A 289 -3.24 29.64 22.26
N PRO A 290 -2.01 29.19 21.97
CA PRO A 290 -1.23 28.52 23.02
C PRO A 290 -0.87 29.44 24.18
N ARG A 291 -0.88 30.76 23.98
CA ARG A 291 -0.49 31.67 25.05
C ARG A 291 -1.54 31.73 26.15
N LYS A 292 -2.83 31.69 25.78
CA LYS A 292 -3.89 31.76 26.77
C LYS A 292 -4.04 30.46 27.55
N LEU A 293 -3.59 29.33 26.99
CA LEU A 293 -3.59 28.09 27.74
C LEU A 293 -2.58 28.13 28.87
N VAL A 294 -1.41 28.73 28.62
CA VAL A 294 -0.39 28.86 29.66
C VAL A 294 -0.87 29.79 30.76
N SER A 295 -1.45 30.93 30.38
CA SER A 295 -1.94 31.91 31.35
C SER A 295 -3.40 31.64 31.69
N LYS A 329 7.90 51.56 1.57
CA LYS A 329 8.15 50.65 0.45
C LYS A 329 8.63 49.29 0.94
N PRO A 330 7.91 48.24 0.55
CA PRO A 330 8.34 46.88 0.91
C PRO A 330 9.67 46.54 0.25
N GLY A 331 10.45 45.73 0.96
CA GLY A 331 11.77 45.36 0.48
C GLY A 331 11.74 44.21 -0.50
N LEU A 332 12.72 43.31 -0.41
CA LEU A 332 12.84 42.18 -1.31
C LEU A 332 12.21 40.90 -0.75
N ARG A 333 12.49 40.60 0.51
CA ARG A 333 11.94 39.39 1.11
C ARG A 333 10.43 39.48 1.26
N HIS A 334 9.90 40.69 1.45
CA HIS A 334 8.45 40.85 1.57
C HIS A 334 7.75 40.46 0.27
N GLN A 335 8.33 40.83 -0.87
CA GLN A 335 7.76 40.44 -2.16
C GLN A 335 8.04 38.98 -2.48
N LEU A 336 9.21 38.49 -2.09
CA LEU A 336 9.55 37.08 -2.33
C LEU A 336 8.59 36.15 -1.59
N GLY A 337 8.20 36.53 -0.37
CA GLY A 337 7.27 35.69 0.38
C GLY A 337 5.91 35.59 -0.29
N ALA A 338 5.37 36.73 -0.76
CA ALA A 338 4.08 36.70 -1.43
C ALA A 338 4.17 35.93 -2.74
N ALA A 339 5.24 36.12 -3.51
CA ALA A 339 5.40 35.37 -4.75
C ALA A 339 5.49 33.88 -4.48
N PHE A 340 6.24 33.49 -3.44
CA PHE A 340 6.35 32.09 -3.09
C PHE A 340 5.00 31.51 -2.69
N THR A 341 4.23 32.24 -1.89
CA THR A 341 2.92 31.75 -1.48
C THR A 341 2.02 31.52 -2.68
N LEU A 342 1.93 32.53 -3.57
CA LEU A 342 1.05 32.41 -4.72
C LEU A 342 1.47 31.26 -5.63
N LEU A 343 2.77 31.21 -5.96
CA LEU A 343 3.23 30.19 -6.90
C LEU A 343 3.11 28.79 -6.31
N TYR A 344 3.43 28.62 -5.02
CA TYR A 344 3.32 27.32 -4.40
C TYR A 344 1.87 26.85 -4.34
N LEU A 345 0.94 27.74 -4.02
CA LEU A 345 -0.45 27.33 -3.96
C LEU A 345 -0.98 26.98 -5.35
N LEU A 346 -0.59 27.76 -6.37
CA LEU A 346 -1.01 27.43 -7.73
C LEU A 346 -0.44 26.08 -8.17
N GLU A 347 0.84 25.82 -7.84
CA GLU A 347 1.44 24.55 -8.22
C GLU A 347 0.77 23.39 -7.49
N GLN A 348 0.43 23.57 -6.23
CA GLN A 348 -0.27 22.51 -5.50
C GLN A 348 -1.66 22.26 -6.05
N LEU A 349 -2.33 23.31 -6.53
CA LEU A 349 -3.62 23.10 -7.19
C LEU A 349 -3.45 22.38 -8.52
N PHE A 350 -2.41 22.73 -9.27
CA PHE A 350 -2.28 22.21 -10.64
C PHE A 350 -1.77 20.78 -10.67
N LEU A 351 -0.87 20.41 -9.77
CA LEU A 351 -0.17 19.12 -9.90
C LEU A 351 -1.09 17.90 -9.90
N PRO A 352 -2.12 17.79 -9.07
CA PRO A 352 -2.96 16.59 -9.12
C PRO A 352 -3.68 16.40 -10.44
N TYR A 353 -3.86 17.46 -11.24
CA TYR A 353 -4.53 17.37 -12.53
C TYR A 353 -3.58 17.54 -13.70
N SER A 354 -2.29 17.27 -13.49
CA SER A 354 -1.29 17.39 -14.54
C SER A 354 -1.02 16.08 -15.26
N HIS A 355 -2.01 15.18 -15.31
CA HIS A 355 -1.80 13.86 -15.88
C HIS A 355 -1.92 13.83 -17.39
N PHE A 356 -2.34 14.93 -18.02
CA PHE A 356 -2.40 14.99 -19.47
C PHE A 356 -1.07 15.38 -20.11
N LEU A 357 -0.08 15.76 -19.31
CA LEU A 357 1.25 16.09 -19.78
C LEU A 357 2.22 14.91 -19.66
N THR A 358 2.18 14.19 -18.53
CA THR A 358 3.00 13.01 -18.34
C THR A 358 2.14 11.78 -18.66
N GLN A 359 1.94 11.55 -19.95
CA GLN A 359 1.08 10.47 -20.41
C GLN A 359 1.75 9.11 -20.39
N GLY A 360 3.08 9.05 -20.19
CA GLY A 360 3.74 7.77 -20.08
C GLY A 360 3.34 6.98 -18.86
N TYR A 361 3.09 7.67 -17.74
CA TYR A 361 2.72 7.03 -16.50
C TYR A 361 1.23 6.75 -16.39
N ASN A 362 0.44 7.15 -17.38
CA ASN A 362 -0.99 6.88 -17.36
C ASN A 362 -1.26 5.39 -17.57
N ASN A 363 -2.33 4.92 -16.94
CA ASN A 363 -2.73 3.52 -16.94
C ASN A 363 -4.24 3.47 -16.84
N TRP A 364 -4.78 2.33 -16.39
CA TRP A 364 -6.19 2.28 -16.02
C TRP A 364 -6.53 3.41 -15.06
N THR A 365 -5.67 3.67 -14.08
CA THR A 365 -5.75 4.88 -13.28
C THR A 365 -4.82 5.93 -13.87
N ASN A 366 -4.75 7.10 -13.22
CA ASN A 366 -3.99 8.22 -13.74
C ASN A 366 -2.73 8.44 -12.91
N GLY A 367 -1.58 8.40 -13.57
CA GLY A 367 -0.33 8.82 -12.96
C GLY A 367 0.18 7.86 -11.91
N LEU A 368 1.40 8.14 -11.45
CA LEU A 368 1.97 7.41 -10.33
C LEU A 368 1.22 7.76 -9.05
N TYR A 369 1.15 6.78 -8.15
CA TYR A 369 0.46 6.98 -6.89
C TYR A 369 1.31 7.80 -5.93
N GLY A 370 0.66 8.70 -5.19
CA GLY A 370 1.36 9.46 -4.17
C GLY A 370 1.07 10.94 -4.09
N TYR A 371 0.75 11.58 -5.22
CA TYR A 371 0.58 13.03 -5.22
C TYR A 371 -0.75 13.46 -5.83
N SER A 372 -1.74 12.57 -5.89
CA SER A 372 -3.05 12.91 -6.42
C SER A 372 -4.13 13.00 -5.36
N TRP A 373 -3.83 12.64 -4.12
CA TRP A 373 -4.77 12.69 -2.99
C TRP A 373 -5.98 11.78 -3.19
N ASP A 374 -5.84 10.75 -4.03
CA ASP A 374 -6.91 9.78 -4.25
C ASP A 374 -6.68 8.60 -3.32
N MET A 375 -7.05 8.79 -2.06
CA MET A 375 -6.80 7.80 -1.01
C MET A 375 -7.97 6.83 -0.92
N MET A 376 -7.66 5.54 -0.98
CA MET A 376 -8.64 4.46 -0.76
C MET A 376 -9.79 4.54 -1.76
N VAL A 377 -9.45 4.75 -3.02
CA VAL A 377 -10.45 4.86 -4.07
C VAL A 377 -10.47 3.66 -5.01
N HIS A 378 -9.34 2.98 -5.19
CA HIS A 378 -9.25 1.85 -6.10
C HIS A 378 -8.64 0.66 -5.38
N SER A 379 -9.24 -0.52 -5.57
CA SER A 379 -8.75 -1.76 -4.99
C SER A 379 -8.44 -2.76 -6.11
N ARG A 380 -7.33 -3.47 -5.97
CA ARG A 380 -6.87 -4.40 -6.99
C ARG A 380 -6.71 -5.80 -6.40
N SER A 381 -7.10 -6.80 -7.19
CA SER A 381 -6.93 -8.20 -6.83
C SER A 381 -6.31 -8.91 -8.02
N HIS A 382 -5.04 -9.30 -7.88
CA HIS A 382 -4.32 -9.96 -8.97
C HIS A 382 -4.56 -11.46 -8.93
N GLN A 383 -4.79 -12.04 -10.11
CA GLN A 383 -5.11 -13.46 -10.22
C GLN A 383 -3.92 -14.31 -10.65
N HIS A 384 -3.22 -13.91 -11.72
CA HIS A 384 -2.13 -14.71 -12.23
C HIS A 384 -1.13 -13.81 -12.95
N VAL A 385 0.16 -14.10 -12.77
CA VAL A 385 1.24 -13.39 -13.45
C VAL A 385 2.17 -14.43 -14.07
N LYS A 386 2.32 -14.39 -15.39
CA LYS A 386 3.20 -15.31 -16.10
C LYS A 386 4.27 -14.51 -16.84
N ILE A 387 5.53 -14.87 -16.62
CA ILE A 387 6.68 -14.24 -17.26
C ILE A 387 7.37 -15.29 -18.11
N THR A 388 7.36 -15.10 -19.43
CA THR A 388 7.97 -16.03 -20.35
C THR A 388 9.22 -15.41 -20.96
N TYR A 389 10.25 -16.23 -21.16
CA TYR A 389 11.47 -15.77 -21.79
C TYR A 389 11.85 -16.72 -22.93
N ARG A 390 12.32 -16.13 -24.03
CA ARG A 390 12.86 -16.86 -25.16
C ARG A 390 14.33 -16.51 -25.33
N ASP A 391 15.17 -17.54 -25.34
CA ASP A 391 16.58 -17.34 -25.58
C ASP A 391 16.83 -16.90 -27.02
N GLY A 392 17.78 -16.00 -27.21
CA GLY A 392 18.07 -15.47 -28.52
C GLY A 392 19.12 -16.22 -29.31
N ARG A 393 19.69 -17.29 -28.75
CA ARG A 393 20.69 -18.08 -29.44
C ARG A 393 20.20 -19.49 -29.76
N THR A 394 19.55 -20.16 -28.81
CA THR A 394 19.03 -21.49 -29.04
C THR A 394 17.56 -21.49 -29.45
N GLY A 395 16.77 -20.54 -28.94
CA GLY A 395 15.36 -20.50 -29.21
C GLY A 395 14.49 -21.19 -28.18
N GLU A 396 15.07 -21.67 -27.09
CA GLU A 396 14.30 -22.35 -26.06
C GLU A 396 13.37 -21.37 -25.35
N LEU A 397 12.24 -21.90 -24.89
CA LEU A 397 11.21 -21.10 -24.23
C LEU A 397 11.08 -21.57 -22.79
N GLY A 398 11.19 -20.63 -21.85
CA GLY A 398 11.10 -20.96 -20.44
C GLY A 398 10.25 -19.96 -19.69
N TYR A 399 10.00 -20.26 -18.43
CA TYR A 399 9.14 -19.45 -17.58
C TYR A 399 9.88 -19.05 -16.32
N LEU A 400 9.85 -17.76 -15.99
CA LEU A 400 10.50 -17.26 -14.80
C LEU A 400 9.50 -17.17 -13.64
N ASN A 401 10.04 -17.06 -12.43
CA ASN A 401 9.21 -16.81 -11.27
C ASN A 401 8.60 -15.42 -11.37
N PRO A 402 7.38 -15.22 -10.86
CA PRO A 402 6.70 -13.93 -11.05
C PRO A 402 7.43 -12.76 -10.41
N GLY A 403 7.82 -12.89 -9.15
CA GLY A 403 8.40 -11.77 -8.44
C GLY A 403 9.85 -11.93 -8.07
N VAL A 404 10.64 -12.50 -8.98
CA VAL A 404 12.05 -12.74 -8.71
C VAL A 404 12.83 -11.44 -8.88
N PHE A 405 13.88 -11.29 -8.07
CA PHE A 405 14.76 -10.13 -8.09
C PHE A 405 14.01 -8.83 -7.81
N THR A 406 12.97 -8.91 -6.98
CA THR A 406 12.16 -7.75 -6.64
C THR A 406 11.83 -7.80 -5.15
N GLN A 407 11.58 -6.63 -4.59
CA GLN A 407 11.18 -6.50 -3.20
C GLN A 407 9.79 -5.92 -3.01
N SER A 408 9.15 -5.43 -4.06
CA SER A 408 7.79 -4.92 -4.02
C SER A 408 6.97 -5.59 -5.12
N ARG A 409 5.66 -5.33 -5.10
CA ARG A 409 4.74 -5.92 -6.07
C ARG A 409 3.91 -4.85 -6.76
N ARG A 410 4.45 -3.65 -6.93
CA ARG A 410 3.77 -2.58 -7.64
C ARG A 410 4.13 -2.53 -9.12
N TRP A 411 5.01 -3.41 -9.58
CA TRP A 411 5.43 -3.40 -10.98
C TRP A 411 4.40 -4.03 -11.91
N LYS A 412 3.32 -4.61 -11.37
CA LYS A 412 2.30 -5.24 -12.19
C LYS A 412 1.27 -4.26 -12.71
N ASP A 413 1.35 -2.99 -12.33
CA ASP A 413 0.30 -2.03 -12.66
C ASP A 413 0.80 -0.78 -13.36
N HIS A 414 2.10 -0.65 -13.60
CA HIS A 414 2.66 0.53 -14.26
C HIS A 414 3.61 0.08 -15.37
N ALA A 415 3.50 0.76 -16.52
CA ALA A 415 4.33 0.39 -17.67
C ALA A 415 5.79 0.74 -17.44
N ASP A 416 6.07 1.86 -16.77
CA ASP A 416 7.45 2.27 -16.53
C ASP A 416 8.18 1.27 -15.64
N MET A 417 7.53 0.85 -14.56
CA MET A 417 8.16 -0.12 -13.67
C MET A 417 8.32 -1.47 -14.36
N LEU A 418 7.38 -1.83 -15.22
CA LEU A 418 7.52 -3.06 -16.00
C LEU A 418 8.70 -2.98 -16.95
N LYS A 419 8.90 -1.83 -17.60
CA LYS A 419 10.04 -1.67 -18.49
C LYS A 419 11.36 -1.73 -17.72
N GLN A 420 11.41 -1.11 -16.54
CA GLN A 420 12.61 -1.17 -15.72
C GLN A 420 12.89 -2.60 -15.27
N TYR A 421 11.85 -3.34 -14.88
CA TYR A 421 12.03 -4.74 -14.49
C TYR A 421 12.49 -5.59 -15.66
N ALA A 422 11.96 -5.31 -16.86
CA ALA A 422 12.39 -6.04 -18.05
C ALA A 422 13.86 -5.79 -18.35
N THR A 423 14.31 -4.53 -18.23
CA THR A 423 15.72 -4.24 -18.46
C THR A 423 16.60 -4.89 -17.40
N CYS A 424 16.17 -4.86 -16.14
CA CYS A 424 16.92 -5.50 -15.07
C CYS A 424 17.05 -7.01 -15.33
N LEU A 425 15.97 -7.66 -15.75
CA LEU A 425 16.03 -9.08 -16.06
C LEU A 425 16.91 -9.33 -17.27
N SER A 426 16.85 -8.45 -18.27
CA SER A 426 17.67 -8.63 -19.46
C SER A 426 19.15 -8.48 -19.17
N ARG A 427 19.51 -7.74 -18.13
CA ARG A 427 20.92 -7.65 -17.76
C ARG A 427 21.34 -8.65 -16.71
N LEU A 428 20.39 -9.24 -15.97
CA LEU A 428 20.72 -10.22 -14.95
C LEU A 428 20.70 -11.66 -15.46
N LEU A 429 19.88 -11.96 -16.47
CA LEU A 429 19.75 -13.34 -16.92
C LEU A 429 21.01 -13.95 -17.54
N PRO A 430 21.92 -13.20 -18.17
CA PRO A 430 23.14 -13.85 -18.69
C PRO A 430 23.98 -14.51 -17.61
N LYS A 431 23.78 -14.17 -16.34
CA LYS A 431 24.47 -14.86 -15.26
C LYS A 431 23.96 -16.27 -15.05
N TYR A 432 22.81 -16.63 -15.63
CA TYR A 432 22.22 -17.95 -15.48
C TYR A 432 22.18 -18.71 -16.81
N ASN A 433 23.24 -18.55 -17.61
CA ASN A 433 23.38 -19.27 -18.88
C ASN A 433 22.22 -19.01 -19.83
N VAL A 434 21.78 -17.75 -19.88
CA VAL A 434 20.76 -17.31 -20.83
C VAL A 434 21.35 -16.22 -21.70
N THR A 435 21.22 -16.36 -23.02
CA THR A 435 21.71 -15.36 -23.96
C THR A 435 20.70 -14.21 -24.00
N GLU A 436 20.85 -13.31 -24.98
CA GLU A 436 20.02 -12.12 -25.09
C GLU A 436 18.54 -12.53 -25.14
N PRO A 437 17.78 -12.27 -24.08
CA PRO A 437 16.43 -12.82 -23.99
C PRO A 437 15.35 -11.89 -24.54
N GLN A 438 14.21 -12.51 -24.83
CA GLN A 438 12.98 -11.78 -25.14
C GLN A 438 11.97 -12.13 -24.06
N ILE A 439 11.44 -11.12 -23.37
CA ILE A 439 10.61 -11.31 -22.19
C ILE A 439 9.19 -10.84 -22.49
N TYR A 440 8.23 -11.72 -22.22
CA TYR A 440 6.81 -11.43 -22.39
C TYR A 440 6.10 -11.55 -21.05
N PHE A 441 5.15 -10.65 -20.80
CA PHE A 441 4.41 -10.60 -19.55
C PHE A 441 2.93 -10.87 -19.81
N ASP A 442 2.29 -11.58 -18.88
CA ASP A 442 0.85 -11.81 -18.93
C ASP A 442 0.32 -11.62 -17.51
N ILE A 443 -0.35 -10.50 -17.27
CA ILE A 443 -0.80 -10.10 -15.94
C ILE A 443 -2.30 -9.90 -15.97
N TRP A 444 -2.99 -10.51 -15.01
CA TRP A 444 -4.43 -10.39 -14.87
C TRP A 444 -4.74 -9.60 -13.60
N VAL A 445 -5.61 -8.60 -13.72
CA VAL A 445 -5.93 -7.72 -12.59
C VAL A 445 -7.34 -7.16 -12.80
N SER A 446 -8.08 -7.04 -11.70
CA SER A 446 -9.41 -6.45 -11.71
C SER A 446 -9.47 -5.31 -10.71
N ILE A 447 -10.17 -4.24 -11.06
CA ILE A 447 -10.29 -3.05 -10.22
C ILE A 447 -11.73 -2.96 -9.73
N ASN A 448 -11.90 -2.93 -8.41
CA ASN A 448 -13.20 -2.74 -7.77
C ASN A 448 -14.21 -3.80 -8.23
N ASP A 449 -13.79 -5.07 -8.13
CA ASP A 449 -14.65 -6.22 -8.38
C ASP A 449 -15.24 -6.19 -9.80
N ARG A 450 -14.35 -6.19 -10.78
CA ARG A 450 -14.69 -6.29 -12.19
C ARG A 450 -14.18 -7.62 -12.74
N PHE A 451 -14.36 -7.80 -14.05
CA PHE A 451 -13.84 -8.97 -14.73
C PHE A 451 -12.32 -8.95 -14.73
N GLN A 452 -11.73 -10.14 -14.62
CA GLN A 452 -10.28 -10.28 -14.69
C GLN A 452 -9.85 -10.17 -16.15
N GLN A 453 -9.05 -9.16 -16.46
CA GLN A 453 -8.59 -8.94 -17.82
C GLN A 453 -7.11 -8.61 -17.81
N ARG A 454 -6.48 -8.78 -18.97
CA ARG A 454 -5.09 -8.44 -19.12
C ARG A 454 -4.89 -6.92 -19.07
N ILE A 455 -3.73 -6.52 -18.56
CA ILE A 455 -3.35 -5.12 -18.50
C ILE A 455 -2.32 -4.76 -19.56
N PHE A 456 -1.40 -5.68 -19.84
CA PHE A 456 -0.38 -5.49 -20.88
C PHE A 456 -0.56 -6.51 -21.98
N ASP A 457 -0.17 -6.12 -23.19
CA ASP A 457 -0.24 -7.02 -24.34
C ASP A 457 0.72 -8.18 -24.15
N PRO A 458 0.26 -9.42 -24.22
CA PRO A 458 1.16 -10.58 -24.02
C PRO A 458 1.93 -11.01 -25.25
N ARG A 459 1.93 -10.22 -26.32
CA ARG A 459 2.67 -10.56 -27.54
C ARG A 459 3.79 -9.57 -27.83
N VAL A 460 4.13 -8.70 -26.88
CA VAL A 460 5.07 -7.61 -27.10
C VAL A 460 6.29 -7.83 -26.22
N ASP A 461 7.47 -7.80 -26.84
CA ASP A 461 8.73 -7.90 -26.11
C ASP A 461 8.99 -6.59 -25.38
N ILE A 462 8.89 -6.62 -24.04
CA ILE A 462 9.08 -5.40 -23.26
C ILE A 462 10.53 -4.95 -23.27
N VAL A 463 11.47 -5.86 -23.51
CA VAL A 463 12.88 -5.47 -23.55
C VAL A 463 13.13 -4.52 -24.72
N GLN A 464 12.51 -4.78 -25.86
CA GLN A 464 12.67 -3.95 -27.05
C GLN A 464 11.50 -3.02 -27.30
N ALA A 465 10.59 -2.88 -26.33
CA ALA A 465 9.42 -2.04 -26.50
C ALA A 465 9.79 -0.57 -26.42
N ALA A 466 8.85 0.28 -26.85
CA ALA A 466 9.04 1.72 -26.89
C ALA A 466 8.27 2.37 -25.75
N TRP A 467 8.96 3.19 -24.96
CA TRP A 467 8.33 3.91 -23.85
C TRP A 467 9.00 5.25 -23.67
N SER A 468 8.20 6.32 -23.62
CA SER A 468 8.68 7.66 -23.35
C SER A 468 7.74 8.33 -22.35
N PRO A 469 8.28 9.17 -21.46
CA PRO A 469 7.44 9.74 -20.39
C PRO A 469 6.33 10.66 -20.89
N PHE A 470 6.46 11.24 -22.08
CA PHE A 470 5.51 12.22 -22.57
C PHE A 470 4.65 11.70 -23.72
N GLN A 471 4.65 10.39 -23.98
CA GLN A 471 3.81 9.80 -25.00
C GLN A 471 3.10 8.59 -24.44
N ARG A 472 1.91 8.33 -24.96
CA ARG A 472 1.10 7.21 -24.48
C ARG A 472 1.71 5.88 -24.91
N THR A 473 1.69 4.91 -24.00
CA THR A 473 2.19 3.59 -24.30
C THR A 473 1.24 2.85 -25.24
N SER A 474 1.80 2.15 -26.21
CA SER A 474 1.01 1.45 -27.22
C SER A 474 0.74 0.00 -26.87
N TRP A 475 1.25 -0.50 -25.75
CA TRP A 475 1.06 -1.88 -25.33
C TRP A 475 0.37 -1.97 -23.97
N VAL A 476 -0.61 -1.10 -23.73
CA VAL A 476 -1.46 -1.16 -22.55
C VAL A 476 -2.89 -1.38 -23.02
N GLN A 477 -3.49 -2.47 -22.58
CA GLN A 477 -4.85 -2.80 -23.01
C GLN A 477 -5.83 -1.84 -22.35
N PRO A 478 -6.83 -1.37 -23.10
CA PRO A 478 -7.85 -0.50 -22.50
C PRO A 478 -8.72 -1.24 -21.52
N LEU A 479 -9.22 -0.52 -20.52
CA LEU A 479 -10.12 -1.11 -19.54
C LEU A 479 -11.49 -1.31 -20.18
N LEU A 480 -12.06 -2.51 -20.01
CA LEU A 480 -13.39 -2.82 -20.52
C LEU A 480 -14.41 -2.14 -19.61
N MET A 481 -14.54 -0.83 -19.79
CA MET A 481 -15.44 -0.04 -18.96
C MET A 481 -16.90 -0.26 -19.33
N ASP A 482 -17.16 -0.64 -20.59
CA ASP A 482 -18.52 -0.92 -21.01
C ASP A 482 -19.15 -2.05 -20.19
N LEU A 483 -18.33 -2.95 -19.66
CA LEU A 483 -18.83 -4.02 -18.79
C LEU A 483 -18.89 -3.56 -17.33
N SER A 484 -19.52 -2.42 -17.10
CA SER A 484 -19.74 -1.89 -15.76
C SER A 484 -20.92 -2.53 -15.05
N PRO A 485 -22.11 -2.61 -15.65
CA PRO A 485 -23.27 -3.11 -14.90
C PRO A 485 -23.16 -4.56 -14.47
N TRP A 486 -22.31 -5.36 -15.13
CA TRP A 486 -22.22 -6.78 -14.82
C TRP A 486 -21.81 -7.02 -13.37
N ARG A 487 -21.20 -6.02 -12.72
CA ARG A 487 -20.80 -6.18 -11.32
C ARG A 487 -21.98 -6.45 -10.42
N ALA A 488 -23.20 -6.16 -10.87
CA ALA A 488 -24.37 -6.61 -10.13
C ALA A 488 -24.63 -8.10 -10.36
N LYS A 489 -24.75 -8.50 -11.63
CA LYS A 489 -25.15 -9.87 -11.94
C LYS A 489 -24.14 -10.88 -11.39
N LEU A 490 -22.85 -10.57 -11.51
CA LEU A 490 -21.82 -11.47 -11.00
C LEU A 490 -22.05 -11.76 -9.52
N GLN A 491 -22.42 -10.74 -8.75
CA GLN A 491 -22.63 -10.95 -7.32
C GLN A 491 -23.71 -11.98 -7.06
N GLU A 492 -24.75 -11.99 -7.90
CA GLU A 492 -25.80 -13.00 -7.75
C GLU A 492 -25.21 -14.40 -7.86
N ILE A 493 -24.34 -14.62 -8.84
CA ILE A 493 -23.72 -15.93 -8.96
C ILE A 493 -22.86 -16.22 -7.74
N LYS A 494 -22.21 -15.19 -7.19
CA LYS A 494 -21.40 -15.39 -6.00
C LYS A 494 -22.24 -15.82 -4.81
N SER A 495 -23.54 -15.54 -4.83
CA SER A 495 -24.44 -16.01 -3.78
C SER A 495 -25.03 -17.38 -4.08
N SER A 496 -24.96 -17.83 -5.33
CA SER A 496 -25.58 -19.09 -5.72
C SER A 496 -24.69 -20.30 -5.47
N LEU A 497 -23.43 -20.09 -5.07
CA LEU A 497 -22.47 -21.16 -4.94
C LEU A 497 -22.64 -21.89 -3.60
N ASP A 498 -22.05 -23.07 -3.53
CA ASP A 498 -22.06 -23.89 -2.33
C ASP A 498 -20.93 -23.45 -1.40
N ASN A 499 -20.67 -24.23 -0.36
CA ASN A 499 -19.69 -23.84 0.65
C ASN A 499 -18.25 -24.13 0.23
N HIS A 500 -18.04 -24.87 -0.86
CA HIS A 500 -16.70 -25.22 -1.30
C HIS A 500 -16.39 -24.81 -2.74
N THR A 501 -17.39 -24.45 -3.53
CA THR A 501 -17.16 -24.06 -4.91
C THR A 501 -16.59 -22.65 -4.99
N GLU A 502 -15.76 -22.41 -6.00
CA GLU A 502 -15.19 -21.09 -6.25
C GLU A 502 -15.35 -20.74 -7.73
N VAL A 503 -15.36 -19.44 -8.01
CA VAL A 503 -15.63 -18.94 -9.35
C VAL A 503 -14.65 -17.81 -9.67
N VAL A 504 -14.21 -17.76 -10.92
CA VAL A 504 -13.33 -16.72 -11.43
C VAL A 504 -13.89 -16.22 -12.76
N PHE A 505 -14.06 -14.91 -12.90
CA PHE A 505 -14.66 -14.33 -14.08
C PHE A 505 -13.58 -13.73 -14.97
N ILE A 506 -13.65 -14.00 -16.27
CA ILE A 506 -12.60 -13.64 -17.22
C ILE A 506 -13.23 -12.89 -18.38
N ALA A 507 -12.58 -11.80 -18.80
CA ALA A 507 -12.94 -11.06 -20.01
C ALA A 507 -11.71 -10.95 -20.89
N ASP A 508 -11.83 -11.39 -22.14
CA ASP A 508 -10.69 -11.51 -23.03
C ASP A 508 -10.93 -10.79 -24.34
N PHE A 509 -9.85 -10.29 -24.92
CA PHE A 509 -9.87 -9.52 -26.16
C PHE A 509 -9.85 -10.45 -27.38
N PRO A 510 -10.31 -9.98 -28.53
CA PRO A 510 -10.26 -10.81 -29.74
C PRO A 510 -8.84 -11.05 -30.20
N GLY A 511 -8.60 -12.26 -30.72
CA GLY A 511 -7.30 -12.61 -31.25
C GLY A 511 -6.43 -13.34 -30.25
N LEU A 512 -6.48 -12.91 -29.00
CA LEU A 512 -5.66 -13.49 -27.94
C LEU A 512 -6.23 -14.83 -27.50
N HIS A 513 -5.42 -15.57 -26.75
CA HIS A 513 -5.83 -16.86 -26.24
C HIS A 513 -5.19 -17.09 -24.88
N LEU A 514 -5.80 -17.98 -24.10
CA LEU A 514 -5.33 -18.31 -22.75
C LEU A 514 -5.03 -19.80 -22.67
N GLU A 515 -3.82 -20.14 -22.22
CA GLU A 515 -3.41 -21.52 -22.03
C GLU A 515 -3.37 -21.81 -20.54
N ASN A 516 -4.05 -22.88 -20.12
CA ASN A 516 -4.22 -23.19 -18.71
C ASN A 516 -3.96 -24.67 -18.46
N PHE A 517 -3.50 -24.97 -17.25
CA PHE A 517 -3.20 -26.34 -16.82
C PHE A 517 -3.96 -26.60 -15.52
N VAL A 518 -5.06 -27.32 -15.61
CA VAL A 518 -5.82 -27.69 -14.41
C VAL A 518 -5.04 -28.71 -13.61
N SER A 519 -4.85 -28.44 -12.33
CA SER A 519 -4.08 -29.34 -11.49
C SER A 519 -4.85 -30.64 -11.24
N GLU A 520 -4.13 -31.63 -10.72
CA GLU A 520 -4.74 -32.94 -10.51
C GLU A 520 -5.76 -32.90 -9.38
N ASP A 521 -5.57 -32.02 -8.40
CA ASP A 521 -6.51 -31.95 -7.28
C ASP A 521 -7.83 -31.30 -7.68
N LEU A 522 -7.80 -30.33 -8.60
CA LEU A 522 -8.99 -29.54 -8.93
C LEU A 522 -9.88 -30.33 -9.89
N GLY A 523 -10.44 -31.42 -9.37
CA GLY A 523 -11.46 -32.14 -10.10
C GLY A 523 -12.78 -31.38 -10.13
N ASN A 524 -13.64 -31.77 -11.06
CA ASN A 524 -14.95 -31.14 -11.26
C ASN A 524 -14.79 -29.64 -11.56
N THR A 525 -14.08 -29.36 -12.65
CA THR A 525 -13.88 -28.00 -13.12
C THR A 525 -14.70 -27.80 -14.39
N SER A 526 -15.48 -26.72 -14.43
CA SER A 526 -16.38 -26.45 -15.53
C SER A 526 -16.19 -25.02 -16.02
N ILE A 527 -16.42 -24.83 -17.31
CA ILE A 527 -16.29 -23.53 -17.97
C ILE A 527 -17.63 -23.19 -18.63
N GLN A 528 -18.13 -22.00 -18.34
CA GLN A 528 -19.39 -21.51 -18.90
C GLN A 528 -19.15 -20.17 -19.57
N LEU A 529 -19.78 -19.97 -20.73
CA LEU A 529 -19.66 -18.75 -21.50
C LEU A 529 -20.84 -17.84 -21.19
N LEU A 530 -20.53 -16.57 -20.87
CA LEU A 530 -21.55 -15.61 -20.51
C LEU A 530 -21.87 -14.62 -21.63
N GLN A 531 -20.86 -14.18 -22.39
CA GLN A 531 -21.11 -13.28 -23.50
C GLN A 531 -20.01 -13.46 -24.53
N GLY A 532 -20.39 -13.47 -25.81
CA GLY A 532 -19.43 -13.59 -26.89
C GLY A 532 -19.34 -14.99 -27.45
N GLU A 533 -18.20 -15.28 -28.06
CA GLU A 533 -17.94 -16.56 -28.69
C GLU A 533 -16.50 -16.97 -28.42
N VAL A 534 -16.32 -18.17 -27.86
CA VAL A 534 -15.00 -18.71 -27.56
C VAL A 534 -14.91 -20.12 -28.12
N THR A 535 -13.67 -20.59 -28.29
CA THR A 535 -13.40 -21.96 -28.69
C THR A 535 -12.45 -22.59 -27.68
N VAL A 536 -12.86 -23.73 -27.12
CA VAL A 536 -12.09 -24.41 -26.10
C VAL A 536 -11.44 -25.63 -26.74
N GLU A 537 -10.12 -25.73 -26.61
CA GLU A 537 -9.33 -26.79 -27.23
C GLU A 537 -8.66 -27.63 -26.16
N LEU A 538 -8.87 -28.94 -26.24
CA LEU A 538 -8.16 -29.91 -25.43
C LEU A 538 -6.99 -30.45 -26.26
N VAL A 539 -5.77 -30.32 -25.71
CA VAL A 539 -4.55 -30.67 -26.44
C VAL A 539 -4.19 -32.14 -26.34
N ALA A 540 -4.83 -32.89 -25.45
CA ALA A 540 -4.54 -34.32 -25.34
C ALA A 540 -4.98 -35.06 -26.60
N GLU A 541 -6.16 -34.74 -27.12
CA GLU A 541 -6.65 -35.34 -28.36
C GLU A 541 -6.79 -34.32 -29.48
N GLN A 542 -6.37 -33.08 -29.26
CA GLN A 542 -6.42 -32.03 -30.28
C GLN A 542 -7.84 -31.80 -30.77
N LYS A 543 -8.76 -31.57 -29.83
CA LYS A 543 -10.17 -31.42 -30.14
C LYS A 543 -10.68 -30.10 -29.58
N ASN A 544 -11.27 -29.26 -30.44
CA ASN A 544 -11.79 -27.96 -30.04
C ASN A 544 -13.28 -27.86 -30.33
N GLN A 545 -14.01 -27.28 -29.39
CA GLN A 545 -15.43 -27.03 -29.52
C GLN A 545 -15.71 -25.54 -29.40
N THR A 546 -16.60 -25.04 -30.26
CA THR A 546 -17.00 -23.65 -30.25
C THR A 546 -18.21 -23.48 -29.34
N LEU A 547 -18.07 -22.69 -28.28
CA LEU A 547 -19.12 -22.51 -27.30
C LEU A 547 -19.89 -21.23 -27.57
N ARG A 548 -21.21 -21.30 -27.42
CA ARG A 548 -22.09 -20.15 -27.52
C ARG A 548 -22.50 -19.70 -26.13
N GLU A 549 -23.39 -18.71 -26.08
CA GLU A 549 -23.82 -18.16 -24.80
C GLU A 549 -24.65 -19.19 -24.03
N GLY A 550 -24.27 -19.41 -22.77
CA GLY A 550 -24.98 -20.33 -21.91
C GLY A 550 -24.43 -21.74 -21.89
N GLU A 551 -23.62 -22.12 -22.88
CA GLU A 551 -23.11 -23.48 -22.95
C GLU A 551 -22.09 -23.73 -21.85
N LYS A 552 -22.05 -24.97 -21.37
CA LYS A 552 -21.22 -25.37 -20.25
C LYS A 552 -20.41 -26.60 -20.64
N MET A 553 -19.15 -26.62 -20.23
CA MET A 553 -18.25 -27.73 -20.55
C MET A 553 -17.53 -28.17 -19.29
N GLN A 554 -17.17 -29.45 -19.24
CA GLN A 554 -16.48 -30.05 -18.09
C GLN A 554 -15.04 -30.33 -18.53
N LEU A 555 -14.11 -29.51 -18.05
CA LEU A 555 -12.73 -29.63 -18.50
C LEU A 555 -12.01 -30.77 -17.79
N PRO A 556 -11.04 -31.38 -18.46
CA PRO A 556 -10.26 -32.45 -17.80
C PRO A 556 -9.37 -31.91 -16.70
N ALA A 557 -9.08 -32.76 -15.73
CA ALA A 557 -8.19 -32.43 -14.63
C ALA A 557 -6.84 -33.10 -14.83
N GLY A 558 -5.78 -32.30 -14.79
CA GLY A 558 -4.44 -32.80 -14.98
C GLY A 558 -3.88 -32.64 -16.37
N GLU A 559 -4.57 -31.92 -17.26
CA GLU A 559 -4.13 -31.74 -18.64
C GLU A 559 -4.15 -30.25 -19.00
N TYR A 560 -3.67 -29.95 -20.20
CA TYR A 560 -3.62 -28.59 -20.70
C TYR A 560 -4.84 -28.31 -21.57
N HIS A 561 -5.38 -27.10 -21.46
CA HIS A 561 -6.46 -26.66 -22.34
C HIS A 561 -6.22 -25.22 -22.74
N LYS A 562 -6.87 -24.82 -23.83
CA LYS A 562 -6.74 -23.47 -24.37
C LYS A 562 -8.11 -22.87 -24.64
N VAL A 563 -8.23 -21.57 -24.42
CA VAL A 563 -9.43 -20.81 -24.74
C VAL A 563 -9.04 -19.73 -25.73
N TYR A 564 -9.55 -19.83 -26.96
CA TYR A 564 -9.35 -18.84 -28.00
C TYR A 564 -10.59 -17.97 -28.11
N THR A 565 -10.38 -16.67 -28.32
CA THR A 565 -11.46 -15.73 -28.57
C THR A 565 -11.56 -15.51 -30.08
N THR A 566 -12.73 -15.78 -30.64
CA THR A 566 -12.95 -15.70 -32.08
C THR A 566 -14.17 -14.87 -32.40
N SER A 567 -14.31 -13.73 -31.73
CA SER A 567 -15.43 -12.81 -31.96
C SER A 567 -14.91 -11.41 -32.13
N PRO A 568 -15.59 -10.57 -32.91
CA PRO A 568 -15.14 -9.18 -33.07
C PRO A 568 -15.17 -8.37 -31.79
N SER A 569 -15.91 -8.79 -30.78
CA SER A 569 -16.03 -8.11 -29.51
C SER A 569 -15.40 -8.93 -28.39
N PRO A 570 -15.03 -8.29 -27.28
CA PRO A 570 -14.47 -9.04 -26.16
C PRO A 570 -15.46 -10.07 -25.62
N SER A 571 -14.94 -11.20 -25.16
CA SER A 571 -15.76 -12.30 -24.68
C SER A 571 -15.58 -12.49 -23.18
N CYS A 572 -16.68 -12.71 -22.48
CA CYS A 572 -16.70 -12.90 -21.04
C CYS A 572 -17.17 -14.32 -20.72
N TYR A 573 -16.38 -15.02 -19.91
CA TYR A 573 -16.71 -16.38 -19.48
C TYR A 573 -16.29 -16.53 -18.02
N MET A 574 -16.46 -17.75 -17.48
CA MET A 574 -16.25 -17.99 -16.06
C MET A 574 -15.74 -19.40 -15.83
N TYR A 575 -14.87 -19.54 -14.84
CA TYR A 575 -14.40 -20.83 -14.35
C TYR A 575 -15.07 -21.12 -13.02
N VAL A 576 -15.71 -22.29 -12.91
CA VAL A 576 -16.33 -22.76 -11.69
C VAL A 576 -15.66 -24.06 -11.30
N TYR A 577 -15.03 -24.09 -10.12
CA TYR A 577 -14.19 -25.22 -9.75
C TYR A 577 -14.31 -25.53 -8.26
N VAL A 578 -14.00 -26.78 -7.93
CA VAL A 578 -13.94 -27.27 -6.55
C VAL A 578 -12.66 -28.07 -6.39
N ASN A 579 -12.19 -28.17 -5.15
CA ASN A 579 -10.98 -28.92 -4.82
C ASN A 579 -11.40 -30.28 -4.25
N THR A 580 -11.18 -31.34 -5.03
CA THR A 580 -11.65 -32.67 -4.63
C THR A 580 -10.81 -33.24 -3.49
N THR A 581 -9.49 -33.02 -3.54
CA THR A 581 -8.62 -33.56 -2.49
C THR A 581 -8.97 -32.95 -1.14
N GLU A 582 -9.20 -31.64 -1.09
CA GLU A 582 -9.57 -31.00 0.16
C GLU A 582 -10.90 -31.52 0.67
N LEU A 583 -11.86 -31.73 -0.23
CA LEU A 583 -13.17 -32.23 0.18
C LEU A 583 -13.06 -33.63 0.77
N ALA A 584 -12.30 -34.51 0.12
CA ALA A 584 -12.13 -35.86 0.64
C ALA A 584 -11.39 -35.85 1.97
N LEU A 585 -10.35 -35.03 2.09
CA LEU A 585 -9.61 -34.95 3.34
C LEU A 585 -10.48 -34.43 4.47
N GLU A 586 -11.31 -33.43 4.19
CA GLU A 586 -12.18 -32.88 5.23
C GLU A 586 -13.23 -33.89 5.63
N GLN A 587 -13.77 -34.65 4.69
CA GLN A 587 -14.74 -35.69 5.04
C GLN A 587 -14.09 -36.78 5.89
N ASP A 588 -12.87 -37.20 5.54
CA ASP A 588 -12.17 -38.20 6.34
C ASP A 588 -11.85 -37.68 7.73
N LEU A 589 -11.44 -36.42 7.84
CA LEU A 589 -11.14 -35.84 9.14
C LEU A 589 -12.41 -35.71 9.99
N ALA A 590 -13.53 -35.38 9.35
CA ALA A 590 -14.80 -35.33 10.08
C ALA A 590 -15.20 -36.70 10.57
N TYR A 591 -15.01 -37.74 9.75
CA TYR A 591 -15.29 -39.09 10.20
C TYR A 591 -14.41 -39.49 11.37
N LEU A 592 -13.12 -39.13 11.31
CA LEU A 592 -12.21 -39.45 12.40
C LEU A 592 -12.60 -38.73 13.69
N GLN A 593 -12.99 -37.45 13.57
CA GLN A 593 -13.42 -36.71 14.75
C GLN A 593 -14.71 -37.28 15.32
N GLU A 594 -15.62 -37.72 14.46
CA GLU A 594 -16.84 -38.36 14.94
C GLU A 594 -16.53 -39.66 15.68
N LEU A 595 -15.58 -40.44 15.16
CA LEU A 595 -15.19 -41.66 15.84
C LEU A 595 -14.54 -41.35 17.19
N LYS A 596 -13.69 -40.32 17.24
CA LYS A 596 -13.08 -39.93 18.50
C LYS A 596 -14.12 -39.48 19.52
N GLU A 597 -15.13 -38.72 19.06
CA GLU A 597 -16.20 -38.30 19.97
C GLU A 597 -17.02 -39.49 20.44
N LYS A 598 -17.26 -40.47 19.57
CA LYS A 598 -17.97 -41.68 19.98
C LYS A 598 -17.18 -42.46 21.01
N VAL A 599 -15.86 -42.52 20.86
CA VAL A 599 -15.03 -43.14 21.89
C VAL A 599 -15.11 -42.36 23.20
N GLU A 600 -15.09 -41.03 23.11
CA GLU A 600 -15.07 -40.20 24.31
C GLU A 600 -16.37 -40.29 25.09
N ASN A 601 -17.50 -40.34 24.39
CA ASN A 601 -18.80 -40.30 25.08
C ASN A 601 -19.19 -41.63 25.70
N GLY A 602 -18.39 -42.68 25.50
CA GLY A 602 -18.65 -43.99 26.09
C GLY A 602 -19.08 -45.04 25.11
N SER A 603 -19.44 -44.68 23.88
CA SER A 603 -19.82 -45.65 22.88
C SER A 603 -18.58 -46.32 22.28
N GLU A 604 -18.80 -47.18 21.30
CA GLU A 604 -17.73 -47.93 20.63
C GLU A 604 -16.93 -48.75 21.66
N THR A 605 -17.63 -49.69 22.30
CA THR A 605 -17.01 -50.51 23.34
C THR A 605 -15.89 -51.40 22.81
N GLY A 606 -15.83 -51.64 21.51
CA GLY A 606 -14.81 -52.47 20.92
C GLY A 606 -13.44 -51.85 21.04
N PRO A 607 -12.39 -52.65 20.87
CA PRO A 607 -11.02 -52.13 21.00
C PRO A 607 -10.72 -51.10 19.92
N LEU A 608 -9.93 -50.10 20.31
CA LEU A 608 -9.59 -49.03 19.39
C LEU A 608 -8.56 -49.50 18.38
N PRO A 609 -8.59 -48.95 17.16
CA PRO A 609 -7.54 -49.27 16.19
C PRO A 609 -6.21 -48.71 16.64
N PRO A 610 -5.09 -49.31 16.22
CA PRO A 610 -3.79 -48.76 16.61
C PRO A 610 -3.55 -47.36 16.12
N GLU A 611 -4.17 -46.96 15.01
CA GLU A 611 -4.05 -45.59 14.53
C GLU A 611 -4.80 -44.60 15.41
N LEU A 612 -5.81 -45.05 16.15
CA LEU A 612 -6.55 -44.17 17.05
C LEU A 612 -5.80 -43.93 18.36
N GLN A 613 -4.82 -44.78 18.68
CA GLN A 613 -4.07 -44.59 19.92
C GLN A 613 -3.34 -43.25 19.99
N PRO A 614 -2.62 -42.79 18.95
CA PRO A 614 -2.00 -41.45 19.03
C PRO A 614 -3.01 -40.33 19.19
N LEU A 615 -4.26 -40.52 18.77
CA LEU A 615 -5.28 -39.50 18.97
C LEU A 615 -5.54 -39.29 20.46
N LEU A 616 -5.66 -40.38 21.22
CA LEU A 616 -5.87 -40.27 22.66
C LEU A 616 -4.59 -39.86 23.38
N GLU A 617 -3.44 -40.43 22.99
CA GLU A 617 -2.20 -40.12 23.67
C GLU A 617 -1.72 -38.70 23.37
N GLY A 618 -1.76 -38.31 22.10
CA GLY A 618 -1.34 -36.99 21.69
C GLY A 618 0.16 -36.83 21.49
N GLU A 619 0.95 -37.87 21.77
CA GLU A 619 2.39 -37.82 21.57
C GLU A 619 2.85 -39.12 20.94
N VAL A 620 3.68 -39.02 19.91
CA VAL A 620 4.20 -40.20 19.20
C VAL A 620 5.53 -40.54 19.87
N LYS A 621 5.46 -41.36 20.92
CA LYS A 621 6.64 -41.82 21.64
C LYS A 621 6.57 -43.32 21.81
N GLY A 622 7.66 -44.02 21.46
CA GLY A 622 7.69 -45.47 21.59
C GLY A 622 6.70 -46.19 20.70
N GLY A 623 6.58 -45.76 19.45
CA GLY A 623 5.65 -46.37 18.53
C GLY A 623 5.95 -46.02 17.09
N PRO A 624 5.18 -46.60 16.17
CA PRO A 624 5.39 -46.30 14.74
C PRO A 624 4.97 -44.89 14.39
N GLU A 625 5.52 -44.41 13.27
CA GLU A 625 5.20 -43.06 12.81
C GLU A 625 3.74 -42.99 12.40
N PRO A 626 3.00 -41.96 12.79
CA PRO A 626 1.58 -41.88 12.46
C PRO A 626 1.36 -41.56 10.99
N THR A 627 0.15 -41.87 10.51
CA THR A 627 -0.23 -41.57 9.15
C THR A 627 -0.36 -40.06 8.97
N PRO A 628 -0.24 -39.57 7.73
CA PRO A 628 -0.42 -38.13 7.50
C PRO A 628 -1.78 -37.61 7.90
N LEU A 629 -2.83 -38.45 7.85
CA LEU A 629 -4.13 -38.02 8.31
C LEU A 629 -4.13 -37.71 9.80
N VAL A 630 -3.49 -38.56 10.60
CA VAL A 630 -3.41 -38.33 12.04
C VAL A 630 -2.60 -37.05 12.32
N GLN A 631 -1.50 -36.86 11.60
CA GLN A 631 -0.70 -35.65 11.78
C GLN A 631 -1.50 -34.41 11.42
N THR A 632 -2.27 -34.47 10.34
CA THR A 632 -3.10 -33.34 9.94
C THR A 632 -4.17 -33.04 11.00
N PHE A 633 -4.80 -34.08 11.53
CA PHE A 633 -5.82 -33.87 12.56
C PHE A 633 -5.21 -33.26 13.82
N LEU A 634 -4.04 -33.76 14.24
CA LEU A 634 -3.39 -33.20 15.42
C LEU A 634 -2.97 -31.75 15.18
N ARG A 635 -2.47 -31.44 13.98
CA ARG A 635 -2.09 -30.08 13.67
C ARG A 635 -3.29 -29.14 13.69
N ARG A 636 -4.42 -29.60 13.13
CA ARG A 636 -5.63 -28.78 13.14
C ARG A 636 -6.13 -28.54 14.56
N GLN A 637 -6.10 -29.60 15.39
CA GLN A 637 -6.51 -29.44 16.78
C GLN A 637 -5.61 -28.45 17.52
N GLN A 638 -4.30 -28.56 17.31
CA GLN A 638 -3.38 -27.64 17.98
C GLN A 638 -3.58 -26.21 17.50
N ARG A 639 -3.83 -26.02 16.20
CA ARG A 639 -4.08 -24.69 15.68
C ARG A 639 -5.37 -24.10 16.25
N LEU A 640 -6.41 -24.92 16.37
CA LEU A 640 -7.66 -24.44 16.96
C LEU A 640 -7.47 -24.07 18.42
N GLN A 641 -6.72 -24.88 19.17
CA GLN A 641 -6.44 -24.55 20.57
C GLN A 641 -5.64 -23.25 20.67
N GLU A 642 -4.67 -23.04 19.79
CA GLU A 642 -3.90 -21.80 19.78
C GLU A 642 -4.79 -20.61 19.47
N ILE A 643 -5.71 -20.77 18.52
CA ILE A 643 -6.63 -19.68 18.18
C ILE A 643 -7.51 -19.34 19.37
N GLU A 644 -8.03 -20.36 20.06
CA GLU A 644 -8.87 -20.12 21.22
C GLU A 644 -8.09 -19.42 22.34
N ARG A 645 -6.85 -19.86 22.57
CA ARG A 645 -6.01 -19.21 23.58
C ARG A 645 -5.73 -17.76 23.22
N ARG A 646 -5.46 -17.48 21.94
CA ARG A 646 -5.26 -16.10 21.51
C ARG A 646 -6.51 -15.27 21.71
N ARG A 647 -7.67 -15.83 21.41
CA ARG A 647 -8.92 -15.10 21.63
C ARG A 647 -9.14 -14.80 23.11
N ASN A 648 -8.82 -15.74 23.99
CA ASN A 648 -8.96 -15.54 25.43
C ASN A 648 -7.68 -14.90 25.99
N THR A 649 -7.47 -13.64 25.60
CA THR A 649 -6.30 -12.87 26.03
C THR A 649 -6.75 -11.50 26.53
N PRO A 650 -6.32 -11.09 27.72
CA PRO A 650 -6.71 -9.78 28.24
C PRO A 650 -6.03 -8.65 27.48
N PHE A 651 -6.56 -7.44 27.68
CA PHE A 651 -6.09 -6.28 26.93
C PHE A 651 -4.71 -5.83 27.39
N HIS A 652 -4.43 -5.88 28.69
CA HIS A 652 -3.17 -5.37 29.20
C HIS A 652 -1.98 -6.17 28.68
N GLU A 653 -2.15 -7.48 28.52
CA GLU A 653 -1.08 -8.29 27.93
C GLU A 653 -0.79 -7.86 26.50
N ARG A 654 -1.84 -7.56 25.74
CA ARG A 654 -1.64 -7.10 24.36
C ARG A 654 -0.92 -5.76 24.34
N PHE A 655 -1.30 -4.85 25.23
CA PHE A 655 -0.62 -3.55 25.29
C PHE A 655 0.85 -3.73 25.65
N PHE A 656 1.14 -4.62 26.60
CA PHE A 656 2.53 -4.86 27.00
C PHE A 656 3.33 -5.46 25.86
N ARG A 657 2.74 -6.40 25.12
CA ARG A 657 3.44 -6.99 23.98
C ARG A 657 3.70 -5.95 22.90
N PHE A 658 2.73 -5.06 22.65
CA PHE A 658 2.93 -4.00 21.67
C PHE A 658 4.09 -3.09 22.07
N LEU A 659 4.13 -2.71 23.34
CA LEU A 659 5.21 -1.84 23.81
C LEU A 659 6.56 -2.54 23.71
N LEU A 660 6.61 -3.83 24.04
CA LEU A 660 7.86 -4.57 23.95
C LEU A 660 8.33 -4.67 22.50
N ARG A 661 7.41 -4.91 21.57
CA ARG A 661 7.78 -4.99 20.16
C ARG A 661 8.34 -3.66 19.66
N LYS A 662 7.70 -2.55 20.04
CA LYS A 662 8.21 -1.25 19.61
C LYS A 662 9.58 -0.97 20.23
N LEU A 663 9.78 -1.35 21.49
CA LEU A 663 11.08 -1.16 22.11
C LEU A 663 12.15 -1.97 21.41
N TYR A 664 11.82 -3.20 21.00
CA TYR A 664 12.77 -4.01 20.26
C TYR A 664 13.13 -3.37 18.92
N VAL A 665 12.13 -2.81 18.23
CA VAL A 665 12.42 -2.15 16.95
C VAL A 665 13.37 -0.99 17.16
N PHE A 666 13.10 -0.15 18.16
CA PHE A 666 13.95 1.01 18.40
C PHE A 666 15.37 0.60 18.80
N ARG A 667 15.49 -0.42 19.65
CA ARG A 667 16.81 -0.86 20.08
C ARG A 667 17.61 -1.43 18.92
N ARG A 668 16.97 -2.22 18.06
CA ARG A 668 17.66 -2.77 16.90
C ARG A 668 18.12 -1.65 15.97
N SER A 669 17.28 -0.64 15.76
CA SER A 669 17.68 0.49 14.93
C SER A 669 18.91 1.17 15.49
N PHE A 670 18.90 1.47 16.80
CA PHE A 670 20.02 2.16 17.42
C PHE A 670 21.30 1.34 17.34
N LEU A 671 21.21 0.04 17.63
CA LEU A 671 22.42 -0.79 17.63
C LEU A 671 23.00 -0.93 16.23
N MET A 672 22.16 -1.15 15.23
CA MET A 672 22.67 -1.27 13.86
C MET A 672 23.30 0.04 13.40
N THR A 673 22.69 1.18 13.74
CA THR A 673 23.28 2.46 13.37
C THR A 673 24.63 2.66 14.04
N CYS A 674 24.76 2.28 15.32
CA CYS A 674 26.04 2.42 16.00
C CYS A 674 27.10 1.53 15.37
N ILE A 675 26.74 0.29 15.01
CA ILE A 675 27.71 -0.60 14.38
C ILE A 675 28.16 -0.03 13.04
N SER A 676 27.23 0.50 12.25
CA SER A 676 27.60 1.06 10.95
C SER A 676 28.50 2.28 11.11
N LEU A 677 28.18 3.15 12.08
CA LEU A 677 29.02 4.34 12.28
C LEU A 677 30.41 3.96 12.76
N ARG A 678 30.52 2.95 13.63
CA ARG A 678 31.84 2.49 14.05
C ARG A 678 32.62 1.91 12.87
N ASN A 679 31.95 1.16 11.98
CA ASN A 679 32.63 0.66 10.79
C ASN A 679 33.13 1.81 9.93
N LEU A 680 32.33 2.87 9.80
CA LEU A 680 32.73 3.99 8.96
C LEU A 680 33.91 4.75 9.54
N ILE A 681 33.90 4.99 10.85
CA ILE A 681 34.88 5.88 11.46
C ILE A 681 36.18 5.14 11.78
N LEU A 682 36.11 4.11 12.61
CA LEU A 682 37.29 3.44 13.12
C LEU A 682 37.66 2.18 12.33
N GLY A 683 37.01 1.92 11.21
CA GLY A 683 37.30 0.74 10.42
C GLY A 683 36.50 -0.47 10.86
N ARG A 684 36.64 -1.54 10.07
CA ARG A 684 35.82 -2.74 10.26
C ARG A 684 36.61 -3.80 10.99
N PRO A 685 36.09 -4.38 12.07
CA PRO A 685 36.80 -5.44 12.79
C PRO A 685 36.77 -6.78 12.09
N SER A 686 37.31 -7.80 12.74
CA SER A 686 37.30 -9.15 12.21
C SER A 686 35.88 -9.70 12.16
N LEU A 687 35.71 -10.79 11.40
CA LEU A 687 34.38 -11.32 11.14
C LEU A 687 33.73 -11.88 12.41
N GLU A 688 34.53 -12.39 13.34
CA GLU A 688 33.96 -12.93 14.57
C GLU A 688 33.29 -11.84 15.39
N GLN A 689 33.95 -10.69 15.54
CA GLN A 689 33.37 -9.59 16.29
C GLN A 689 32.13 -9.04 15.59
N LEU A 690 32.17 -8.95 14.26
CA LEU A 690 31.00 -8.49 13.51
C LEU A 690 29.82 -9.44 13.71
N ALA A 691 30.06 -10.74 13.65
CA ALA A 691 28.99 -11.70 13.88
C ALA A 691 28.45 -11.59 15.29
N GLN A 692 29.33 -11.40 16.27
CA GLN A 692 28.88 -11.25 17.65
C GLN A 692 28.01 -10.00 17.81
N GLU A 693 28.41 -8.90 17.20
CA GLU A 693 27.64 -7.66 17.33
C GLU A 693 26.31 -7.77 16.61
N VAL A 694 26.27 -8.43 15.45
CA VAL A 694 25.02 -8.62 14.74
C VAL A 694 24.08 -9.52 15.53
N THR A 695 24.63 -10.55 16.19
CA THR A 695 23.81 -11.41 17.04
C THR A 695 23.27 -10.64 18.23
N TYR A 696 24.08 -9.76 18.82
CA TYR A 696 23.63 -8.97 19.95
C TYR A 696 22.57 -7.96 19.56
N ALA A 697 22.67 -7.38 18.36
CA ALA A 697 21.70 -6.38 17.94
C ALA A 697 20.34 -7.00 17.65
N ASN A 698 20.31 -8.28 17.30
CA ASN A 698 19.06 -8.96 16.97
C ASN A 698 18.41 -9.63 18.18
N LEU A 699 18.97 -9.48 19.37
CA LEU A 699 18.45 -10.15 20.54
C LEU A 699 17.14 -9.50 21.00
N ARG A 700 16.19 -10.33 21.43
CA ARG A 700 14.95 -9.82 21.97
C ARG A 700 15.20 -9.13 23.31
N PRO A 701 14.40 -8.11 23.64
CA PRO A 701 14.65 -7.37 24.89
C PRO A 701 14.49 -8.23 26.14
N PHE A 702 13.34 -8.87 26.31
CA PHE A 702 13.03 -9.65 27.51
C PHE A 702 13.33 -8.88 28.79
N GLU B 2 20.34 -16.61 -7.34
CA GLU B 2 19.48 -17.29 -6.38
C GLU B 2 19.11 -18.69 -6.86
N THR B 3 20.14 -19.47 -7.19
CA THR B 3 19.99 -20.85 -7.66
C THR B 3 19.13 -20.93 -8.92
N ASP B 4 18.78 -22.15 -9.33
CA ASP B 4 17.93 -22.37 -10.49
C ASP B 4 16.55 -22.92 -10.11
N GLN B 5 16.18 -22.83 -8.83
CA GLN B 5 14.88 -23.27 -8.36
C GLN B 5 13.98 -22.13 -7.92
N GLU B 6 14.54 -20.94 -7.65
CA GLU B 6 13.77 -19.77 -7.33
C GLU B 6 13.62 -18.81 -8.51
N VAL B 7 14.34 -19.05 -9.60
CA VAL B 7 14.33 -18.14 -10.74
C VAL B 7 13.51 -18.73 -11.88
N PHE B 8 13.53 -20.06 -12.01
CA PHE B 8 12.87 -20.75 -13.11
C PHE B 8 11.75 -21.64 -12.59
N LEU B 9 10.70 -21.75 -13.40
CA LEU B 9 9.56 -22.61 -13.10
C LEU B 9 9.31 -23.54 -14.28
N GLY B 10 8.76 -24.72 -13.97
CA GLY B 10 8.43 -25.69 -14.98
C GLY B 10 7.21 -25.28 -15.77
N PRO B 11 7.05 -25.84 -16.97
CA PRO B 11 5.87 -25.53 -17.80
C PRO B 11 4.56 -25.86 -17.10
N PRO B 12 4.45 -26.97 -16.36
CA PRO B 12 3.15 -27.23 -15.71
C PRO B 12 2.83 -26.29 -14.56
N GLU B 13 3.83 -25.84 -13.81
CA GLU B 13 3.56 -25.02 -12.63
C GLU B 13 3.37 -23.56 -12.96
N ALA B 14 3.79 -23.11 -14.14
CA ALA B 14 3.68 -21.70 -14.50
C ALA B 14 2.37 -21.36 -15.19
N GLN B 15 1.63 -22.35 -15.66
CA GLN B 15 0.38 -22.13 -16.37
C GLN B 15 -0.84 -22.52 -15.55
N SER B 16 -0.68 -22.80 -14.26
CA SER B 16 -1.81 -23.12 -13.39
C SER B 16 -2.55 -21.82 -13.09
N PHE B 17 -3.58 -21.53 -13.88
CA PHE B 17 -4.31 -20.28 -13.71
C PHE B 17 -5.18 -20.31 -12.46
N LEU B 18 -5.88 -21.40 -12.22
CA LEU B 18 -6.82 -21.52 -11.11
C LEU B 18 -6.10 -22.07 -9.89
N SER B 19 -5.89 -21.22 -8.88
CA SER B 19 -5.35 -21.64 -7.59
C SER B 19 -6.42 -21.41 -6.54
N SER B 20 -6.86 -22.50 -5.89
CA SER B 20 -7.93 -22.43 -4.92
C SER B 20 -7.37 -22.03 -3.55
N HIS B 21 -8.22 -22.03 -2.53
CA HIS B 21 -7.80 -21.75 -1.17
C HIS B 21 -7.13 -22.98 -0.56
N THR B 22 -6.76 -22.86 0.72
CA THR B 22 -6.01 -23.91 1.42
C THR B 22 -4.74 -24.27 0.64
N ARG B 23 -4.05 -23.25 0.14
CA ARG B 23 -2.86 -23.44 -0.67
C ARG B 23 -1.60 -23.08 0.11
N LEU B 63 -8.40 -11.46 1.78
CA LEU B 63 -8.70 -10.05 1.64
C LEU B 63 -8.70 -9.63 0.17
N THR B 64 -7.52 -9.67 -0.44
CA THR B 64 -7.32 -9.28 -1.84
C THR B 64 -7.86 -7.88 -2.11
N GLU B 65 -7.53 -6.96 -1.21
CA GLU B 65 -7.98 -5.57 -1.27
C GLU B 65 -6.82 -4.63 -1.04
N ARG B 66 -5.70 -4.88 -1.72
CA ARG B 66 -4.51 -4.06 -1.59
C ARG B 66 -4.83 -2.59 -1.86
N PHE B 67 -4.61 -1.75 -0.86
CA PHE B 67 -5.01 -0.35 -0.91
C PHE B 67 -3.83 0.60 -1.10
N TRP B 68 -2.66 0.09 -1.46
CA TRP B 68 -1.49 0.90 -1.75
C TRP B 68 -1.05 1.72 -0.55
N GLU B 69 -1.88 2.66 -0.11
CA GLU B 69 -1.56 3.54 1.01
C GLU B 69 -1.75 2.79 2.33
N SER B 70 -0.82 1.86 2.57
CA SER B 70 -0.79 1.12 3.83
C SER B 70 0.63 0.59 4.01
N TYR B 71 1.33 1.12 5.01
CA TYR B 71 2.71 0.69 5.26
C TYR B 71 2.73 -0.79 5.61
N ILE B 72 3.73 -1.49 5.07
CA ILE B 72 3.83 -2.94 5.24
C ILE B 72 4.48 -3.22 6.59
N TYR B 73 3.79 -3.98 7.43
CA TYR B 73 4.30 -4.31 8.76
C TYR B 73 5.45 -5.29 8.65
N ASN B 74 6.64 -4.87 9.07
CA ASN B 74 7.83 -5.72 9.00
C ASN B 74 8.84 -5.23 10.02
N GLY B 75 9.22 -6.11 10.93
CA GLY B 75 10.18 -5.77 11.98
C GLY B 75 11.57 -6.30 11.71
C1 NAG C . -9.01 -25.16 -32.67
C2 NAG C . -7.83 -25.53 -33.57
C3 NAG C . -6.81 -24.41 -33.60
C4 NAG C . -7.48 -23.10 -34.00
C5 NAG C . -8.66 -22.82 -33.08
C6 NAG C . -9.44 -21.58 -33.48
C7 NAG C . -7.13 -27.86 -33.91
C8 NAG C . -6.47 -29.06 -33.29
N2 NAG C . -7.22 -26.78 -33.13
O3 NAG C . -5.77 -24.73 -34.53
O4 NAG C . -6.55 -22.02 -33.92
O5 NAG C . -9.58 -23.92 -33.11
O6 NAG C . -8.67 -20.72 -34.30
O7 NAG C . -7.58 -27.89 -35.05
C1 NAG C . -5.89 -21.16 -34.73
C2 NAG C . -5.42 -19.77 -35.14
C3 NAG C . -4.61 -19.85 -36.43
C4 NAG C . -3.48 -20.86 -36.29
C5 NAG C . -4.03 -22.20 -35.82
C6 NAG C . -2.94 -23.22 -35.53
C7 NAG C . -6.50 -17.58 -34.92
C8 NAG C . -7.76 -16.79 -35.16
N2 NAG C . -6.54 -18.87 -35.30
O3 NAG C . -4.08 -18.56 -36.72
O4 NAG C . -2.82 -21.03 -37.53
O5 NAG C . -4.77 -22.03 -34.60
O6 NAG C . -3.21 -24.46 -36.17
O7 NAG C . -5.51 -17.08 -34.41
C1 NAG D . -19.15 -30.15 -9.73
C2 NAG D . -20.02 -30.96 -8.78
C3 NAG D . -20.67 -30.04 -7.74
C4 NAG D . -21.34 -28.85 -8.38
C5 NAG D . -20.49 -28.17 -9.46
C6 NAG D . -19.35 -27.36 -8.90
C7 NAG D . -20.83 -32.88 -10.07
C8 NAG D . -21.99 -33.50 -10.78
N2 NAG D . -21.05 -31.69 -9.52
O3 NAG D . -19.68 -29.62 -6.81
O4 NAG D . -22.58 -29.24 -8.96
O5 NAG D . -19.92 -29.14 -10.36
O6 NAG D . -18.42 -27.00 -9.92
O7 NAG D . -19.75 -33.45 -9.99
C1 NAG D . -23.72 -28.81 -8.35
C2 NAG D . -24.78 -27.74 -8.62
C3 NAG D . -25.76 -27.66 -7.45
C4 NAG D . -26.34 -29.03 -7.14
C5 NAG D . -25.22 -30.05 -6.94
C6 NAG D . -25.72 -31.46 -6.75
C7 NAG D . -24.30 -25.79 -10.03
C8 NAG D . -25.15 -26.45 -11.08
N2 NAG D . -24.17 -26.45 -8.87
O3 NAG D . -26.81 -26.74 -7.77
O4 NAG D . -27.13 -28.96 -5.96
O5 NAG D . -24.37 -30.06 -8.09
O6 NAG D . -27.09 -31.47 -6.35
O7 NAG D . -23.78 -24.69 -10.22
C1 NAG E . -6.31 -27.83 -3.22
C2 NAG E . -5.08 -26.93 -3.19
C3 NAG E . -3.89 -27.69 -2.60
C4 NAG E . -4.25 -28.26 -1.24
C5 NAG E . -5.52 -29.10 -1.33
C6 NAG E . -6.01 -29.59 0.00
C7 NAG E . -4.43 -27.15 -5.57
C8 NAG E . -4.13 -26.39 -6.83
N2 NAG E . -4.76 -26.41 -4.51
O3 NAG E . -2.78 -26.82 -2.48
O4 NAG E . -3.19 -29.07 -0.75
O5 NAG E . -6.59 -28.32 -1.90
O6 NAG E . -5.05 -30.46 0.62
O7 NAG E . -4.38 -28.38 -5.52
C1 NAG E . -2.08 -29.18 0.17
C2 NAG E . -1.31 -30.25 0.94
C3 NAG E . -0.11 -29.64 1.66
C4 NAG E . 0.75 -28.86 0.67
C5 NAG E . -0.11 -27.84 -0.09
C6 NAG E . 0.67 -27.11 -1.16
C7 NAG E . -2.26 -32.26 2.00
C8 NAG E . -1.39 -33.05 1.06
N2 NAG E . -2.18 -30.93 1.89
O3 NAG E . 0.65 -30.67 2.26
O4 NAG E . 1.79 -28.17 1.37
O5 NAG E . -1.20 -28.51 -0.73
O6 NAG E . 0.72 -25.71 -0.90
O7 NAG E . -3.00 -32.81 2.81
C22 6PL F . -14.32 32.72 1.36
C21 6PL F . -14.35 31.50 0.44
C20 6PL F . -13.71 30.26 1.06
C19 6PL F . -12.24 30.45 1.42
C18 6PL F . -11.57 29.17 1.89
C17 6PL F . -10.12 29.38 2.31
C16 6PL F . -9.41 28.09 2.73
C15 6PL F . -8.05 28.34 3.36
C14 6PL F . -7.07 29.04 2.44
C13 6PL F . -6.05 29.90 3.18
C12 6PL F . -6.73 30.90 4.09
C11 6PL F . -5.81 31.95 4.64
O11 6PL F . -4.64 32.06 4.38
O3 6PL F . -6.45 32.78 5.45
C3 6PL F . -6.61 34.13 5.05
C2 6PL F . -5.67 35.01 5.84
C1 6PL F . -6.33 35.95 6.83
O3P 6PL F . -6.79 35.24 7.96
P 6PL F . -6.31 35.71 9.45
O1P 6PL F . -5.19 34.85 9.96
O2P 6PL F . -6.19 37.20 9.51
O4P 6PL F . -7.71 35.23 10.16
C4 6PL F . -8.92 35.87 9.82
C5 6PL F . -10.04 34.89 9.59
N 6PL F . -10.68 34.27 10.81
C7 6PL F . -10.85 35.26 11.90
C8 6PL F . -12.03 33.79 10.39
C6 6PL F . -9.91 33.10 11.30
O2 6PL F . -4.82 35.70 4.91
C31 6PL F . -5.32 36.31 3.84
O31 6PL F . -6.22 37.11 3.89
C32 6PL F . -4.62 35.88 2.58
C33 6PL F . -5.19 36.55 1.33
C34 6PL F . -4.56 36.00 0.05
C35 6PL F . -5.37 36.34 -1.20
C36 6PL F . -4.91 35.60 -2.44
C37 6PL F . -5.97 35.63 -3.55
C38 6PL F . -5.95 36.88 -4.41
C39 6PL F . -4.81 36.91 -5.41
C40 6PL F . -4.87 38.07 -6.39
C41 6PL F . -3.70 38.09 -7.38
C42 6PL F . -3.66 39.33 -8.25
C43 6PL F . -3.64 40.62 -7.43
C44 6PL F . -3.75 41.89 -8.28
C45 6PL F . -2.56 42.11 -9.19
C46 6PL F . -2.65 43.38 -10.01
C26 6PL G . 8.79 -3.46 33.11
C25 6PL G . 9.24 -4.02 31.75
C24 6PL G . 8.81 -3.15 30.58
C23 6PL G . 9.40 -1.74 30.62
C22 6PL G . 8.87 -0.83 29.52
C21 6PL G . 9.41 0.59 29.61
C20 6PL G . 8.69 1.57 28.69
C19 6PL G . 9.01 1.37 27.21
C18 6PL G . 8.30 2.37 26.30
C17 6PL G . 8.75 2.29 24.85
C16 6PL G . 8.00 3.25 23.93
C15 6PL G . 8.58 3.30 22.52
C14 6PL G . 7.82 4.23 21.58
C13 6PL G . 6.54 3.61 21.04
C12 6PL G . 5.87 4.49 20.00
C11 6PL G . 4.73 3.85 19.27
O11 6PL G . 4.41 2.69 19.36
O3 6PL G . 4.10 4.72 18.50
C3 6PL G . 3.58 4.29 17.25
C2 6PL G . 2.12 3.88 17.38
C1 6PL G . 1.44 3.50 16.07
O3P 6PL G . 1.82 2.21 15.67
P 6PL G . 1.26 1.60 14.27
O1P 6PL G . 0.77 2.69 13.35
O2P 6PL G . 2.20 0.55 13.74
O4P 6PL G . -0.04 0.88 14.98
C4 6PL G . -0.50 -0.36 14.51
C5 6PL G . -1.90 -0.67 14.98
N 6PL G . -3.04 -0.17 14.13
C7 6PL G . -2.92 -0.64 12.73
C8 6PL G . -4.29 -0.75 14.72
C6 6PL G . -3.17 1.31 14.16
O2 6PL G . 1.42 4.91 18.09
C31 6PL G . 1.56 6.19 17.78
O31 6PL G . 1.44 6.63 16.66
C32 6PL G . 1.87 7.02 19.00
C33 6PL G . 1.72 8.52 18.79
C34 6PL G . 1.95 9.30 20.08
C35 6PL G . 1.26 10.66 20.07
C36 6PL G . 2.11 11.78 19.49
C37 6PL G . 1.42 13.14 19.61
C38 6PL G . 0.19 13.28 18.73
C39 6PL G . -0.73 14.43 19.18
C40 6PL G . -1.88 14.70 18.22
C41 6PL G . -2.99 15.55 18.84
C42 6PL G . -2.54 16.94 19.26
C43 6PL G . -3.70 17.83 19.69
C44 6PL G . -3.27 19.21 20.16
C45 6PL G . -2.42 19.19 21.42
C46 6PL G . -2.04 20.57 21.92
C1 NAG H . 25.07 -23.36 -16.47
C2 NAG H . 26.57 -23.09 -16.30
C3 NAG H . 26.86 -22.52 -14.91
C4 NAG H . 26.08 -23.26 -13.83
C5 NAG H . 24.59 -23.32 -14.17
C6 NAG H . 23.72 -22.60 -13.17
C7 NAG H . 27.73 -24.68 -17.76
C8 NAG H . 28.52 -25.95 -17.83
N2 NAG H . 27.34 -24.29 -16.54
O3 NAG H . 26.55 -21.14 -14.88
O4 NAG H . 26.58 -24.58 -13.67
O5 NAG H . 24.36 -22.71 -15.44
O6 NAG H . 22.94 -21.58 -13.80
O7 NAG H . 27.45 -24.03 -18.78
#